data_4HYW
#
_entry.id   4HYW
#
_cell.length_a   103.680
_cell.length_b   109.000
_cell.length_c   268.380
_cell.angle_alpha   90.00
_cell.angle_beta   90.00
_cell.angle_gamma   90.00
#
_symmetry.space_group_name_H-M   'I 2 2 2'
#
loop_
_entity.id
_entity.type
_entity.pdbx_description
1 polymer 'Pyruvate kinase 1'
2 non-polymer 'MAGNESIUM ION'
3 non-polymer 'POTASSIUM ION'
4 non-polymer 2,6-di-O-phosphono-beta-D-fructofuranose
5 non-polymer 'CHLORIDE ION'
6 non-polymer GLYCEROL
7 water water
#
_entity_poly.entity_id   1
_entity_poly.type   'polypeptide(L)'
_entity_poly.pdbx_seq_one_letter_code
;MSQLEHNIGLSIFEPVAKHRANRIVCTIGPSTQSVEALKNLMKSGMSVARMNFSHGSHEYHQTTINNVRAAAAELGLHIG
IALDTKGPEIRTGLFKDGEVSFAPGDIVCVTTDPAYEKVGTKEKFYIDYPQLTNAVRPGGSIYVDDGVMTLRVVSKEDDR
TLKCHVNNHHRLTDRRGINLPGCEVDLPAVSEKDRKDLEFGVAQGVDMIFASFIRTAEQVREVRAALGEKGKDILIISKI
ENHQGVQNIDSIIEASNGIMVARGDLGVEIPAEKVCVAQMCIISKCNVVGKPVICATQMLESMTSNPRPTRAEVSDVANA
VLNGADCVMLSGETAKGKYPNEVVQYMARICVEAQSATHDTVMFNSIKNLQKIPMCPEEAVCSSAVASAFEVQAKAMLVL
SNTGRSARLISKYRPNCPIICVTTRLQTCRQLNVTRSVVSVFYDAAKSGEDKDKEKRVKLGLDFAKKEKYASTGDVVVVV
HADHSVKGYPNQTRLIYLP
;
_entity_poly.pdbx_strand_id   B,A
#
loop_
_chem_comp.id
_chem_comp.type
_chem_comp.name
_chem_comp.formula
CL non-polymer 'CHLORIDE ION' 'Cl -1'
FDP D-saccharide, beta linking 2,6-di-O-phosphono-beta-D-fructofuranose 'C6 H14 O12 P2'
GOL non-polymer GLYCEROL 'C3 H8 O3'
K non-polymer 'POTASSIUM ION' 'K 1'
MG non-polymer 'MAGNESIUM ION' 'Mg 2'
#
# COMPACT_ATOMS: atom_id res chain seq x y z
N SER A 2 -5.21 -19.65 -7.49
CA SER A 2 -5.55 -18.23 -7.58
C SER A 2 -4.87 -17.45 -6.43
N GLN A 3 -4.75 -16.14 -6.62
CA GLN A 3 -4.32 -15.28 -5.56
C GLN A 3 -5.14 -15.56 -4.29
N LEU A 4 -6.44 -15.73 -4.47
CA LEU A 4 -7.38 -15.81 -3.34
C LEU A 4 -7.11 -17.08 -2.51
N GLU A 5 -6.93 -18.19 -3.21
CA GLU A 5 -6.54 -19.40 -2.55
C GLU A 5 -5.16 -19.33 -1.89
N HIS A 6 -4.22 -18.63 -2.52
CA HIS A 6 -2.94 -18.47 -1.91
C HIS A 6 -3.07 -17.66 -0.63
N ASN A 7 -3.86 -16.59 -0.67
CA ASN A 7 -4.01 -15.75 0.52
C ASN A 7 -4.59 -16.51 1.69
N ILE A 8 -5.62 -17.31 1.48
CA ILE A 8 -6.28 -17.92 2.61
C ILE A 8 -5.36 -18.89 3.35
N GLY A 9 -4.29 -19.32 2.68
CA GLY A 9 -3.33 -20.24 3.28
C GLY A 9 -2.10 -19.55 3.89
N LEU A 10 -2.00 -18.23 3.76
CA LEU A 10 -0.90 -17.49 4.35
C LEU A 10 -0.90 -17.65 5.89
N SER A 11 0.30 -17.64 6.49
CA SER A 11 0.45 -17.74 7.96
C SER A 11 1.42 -16.71 8.51
N ILE A 12 1.07 -16.06 9.62
CA ILE A 12 2.03 -15.17 10.29
C ILE A 12 2.99 -15.95 11.21
N PHE A 13 2.72 -17.22 11.42
CA PHE A 13 3.50 -18.04 12.35
C PHE A 13 4.70 -18.78 11.74
N GLU A 14 4.82 -18.77 10.42
CA GLU A 14 5.84 -19.56 9.74
C GLU A 14 7.17 -18.80 9.68
N PRO A 15 8.30 -19.53 9.67
CA PRO A 15 9.56 -18.83 9.44
C PRO A 15 9.60 -18.12 8.05
N VAL A 16 10.25 -16.98 7.99
CA VAL A 16 10.37 -16.21 6.76
C VAL A 16 11.67 -16.57 5.98
N ALA A 17 11.77 -16.13 4.75
CA ALA A 17 12.94 -16.46 3.93
C ALA A 17 14.22 -15.95 4.59
N LYS A 18 15.30 -16.74 4.54
CA LYS A 18 16.58 -16.28 5.13
C LYS A 18 17.28 -15.21 4.31
N HIS A 19 17.08 -15.22 2.99
CA HIS A 19 17.86 -14.33 2.13
C HIS A 19 17.00 -13.34 1.40
N ARG A 20 17.25 -12.06 1.66
CA ARG A 20 16.43 -11.02 1.08
C ARG A 20 16.64 -10.89 -0.42
N ALA A 21 15.54 -10.98 -1.18
CA ALA A 21 15.59 -10.92 -2.63
C ALA A 21 15.60 -9.47 -3.16
N ASN A 22 14.83 -8.59 -2.53
CA ASN A 22 14.70 -7.22 -3.01
C ASN A 22 15.80 -6.31 -2.49
N ARG A 23 15.96 -5.17 -3.15
CA ARG A 23 17.09 -4.34 -2.89
C ARG A 23 16.65 -2.91 -2.52
N ILE A 24 17.50 -2.22 -1.79
CA ILE A 24 17.13 -0.99 -1.15
C ILE A 24 18.09 0.13 -1.56
N VAL A 25 17.53 1.17 -2.16
CA VAL A 25 18.27 2.33 -2.55
C VAL A 25 18.07 3.41 -1.48
N CYS A 26 19.16 3.95 -0.94
CA CYS A 26 19.11 5.03 0.05
C CYS A 26 19.74 6.32 -0.43
N THR A 27 19.02 7.41 -0.20
CA THR A 27 19.52 8.73 -0.47
C THR A 27 20.45 9.20 0.64
N ILE A 28 21.60 9.73 0.27
CA ILE A 28 22.58 10.16 1.26
C ILE A 28 22.44 11.66 1.55
N GLY A 29 22.50 12.02 2.83
CA GLY A 29 22.46 13.40 3.27
C GLY A 29 23.16 13.57 4.62
N PRO A 30 22.85 14.66 5.32
CA PRO A 30 23.63 14.98 6.53
C PRO A 30 23.40 13.96 7.67
N SER A 31 22.34 13.17 7.56
CA SER A 31 22.07 12.09 8.51
C SER A 31 23.02 10.91 8.33
N THR A 32 23.55 10.75 7.11
CA THR A 32 24.09 9.47 6.68
C THR A 32 25.37 9.57 5.90
N GLN A 33 25.92 10.78 5.77
CA GLN A 33 27.08 10.97 4.91
C GLN A 33 28.41 10.49 5.46
N SER A 34 28.57 10.47 6.78
CA SER A 34 29.86 10.06 7.36
C SER A 34 30.15 8.58 7.10
N VAL A 35 31.42 8.25 6.96
CA VAL A 35 31.83 6.85 6.81
C VAL A 35 31.09 5.92 7.77
N GLU A 36 31.07 6.27 9.05
CA GLU A 36 30.44 5.48 10.12
CA GLU A 36 30.46 5.43 10.05
C GLU A 36 28.93 5.31 9.87
N ALA A 37 28.26 6.40 9.52
CA ALA A 37 26.83 6.34 9.21
C ALA A 37 26.55 5.42 8.02
N LEU A 38 27.50 5.38 7.08
CA LEU A 38 27.31 4.63 5.86
C LEU A 38 27.56 3.15 6.06
N LYS A 39 28.49 2.82 6.96
CA LYS A 39 28.70 1.43 7.34
C LYS A 39 27.46 0.89 8.03
N ASN A 40 26.94 1.65 8.98
CA ASN A 40 25.69 1.30 9.61
C ASN A 40 24.54 1.07 8.61
N LEU A 41 24.44 1.96 7.61
CA LEU A 41 23.42 1.88 6.57
C LEU A 41 23.59 0.62 5.72
N MET A 42 24.84 0.30 5.37
CA MET A 42 25.13 -0.90 4.58
C MET A 42 24.84 -2.17 5.39
N LYS A 43 25.20 -2.16 6.67
CA LYS A 43 24.88 -3.29 7.54
C LYS A 43 23.38 -3.47 7.70
N SER A 44 22.63 -2.37 7.63
CA SER A 44 21.17 -2.38 7.79
C SER A 44 20.46 -2.80 6.49
N GLY A 45 21.16 -2.70 5.37
CA GLY A 45 20.67 -3.23 4.10
C GLY A 45 20.75 -2.32 2.87
N MET A 46 21.42 -1.17 2.94
CA MET A 46 21.59 -0.37 1.72
C MET A 46 22.44 -1.11 0.67
N SER A 47 21.93 -1.22 -0.56
CA SER A 47 22.70 -1.76 -1.70
C SER A 47 23.17 -0.70 -2.70
N VAL A 48 22.41 0.39 -2.82
CA VAL A 48 22.79 1.50 -3.69
C VAL A 48 22.65 2.80 -2.94
N ALA A 49 23.70 3.64 -3.03
CA ALA A 49 23.67 4.96 -2.44
C ALA A 49 23.26 5.98 -3.49
N ARG A 50 22.18 6.69 -3.21
CA ARG A 50 21.67 7.68 -4.14
C ARG A 50 22.18 9.06 -3.75
N MET A 51 22.76 9.77 -4.72
CA MET A 51 23.05 11.20 -4.55
C MET A 51 22.04 12.05 -5.30
N ASN A 52 21.38 12.94 -4.58
CA ASN A 52 20.43 13.82 -5.20
C ASN A 52 21.08 15.11 -5.67
N PHE A 53 21.32 15.20 -6.96
CA PHE A 53 22.01 16.33 -7.51
C PHE A 53 21.08 17.55 -7.73
N SER A 54 19.88 17.48 -7.17
CA SER A 54 19.05 18.67 -7.02
C SER A 54 19.66 19.64 -6.04
N HIS A 55 20.46 19.12 -5.12
CA HIS A 55 21.05 19.93 -4.08
C HIS A 55 22.47 19.61 -4.04
N GLY A 56 23.24 20.50 -3.43
CA GLY A 56 24.62 20.20 -3.07
C GLY A 56 25.59 20.50 -4.19
N SER A 57 26.78 20.93 -3.82
CA SER A 57 27.85 21.12 -4.76
C SER A 57 28.51 19.80 -5.11
N HIS A 58 29.41 19.85 -6.09
CA HIS A 58 30.25 18.71 -6.41
C HIS A 58 31.09 18.26 -5.27
N GLU A 59 31.54 19.20 -4.44
CA GLU A 59 32.36 18.85 -3.29
C GLU A 59 31.59 18.02 -2.27
N TYR A 60 30.37 18.45 -1.95
CA TYR A 60 29.50 17.65 -1.07
C TYR A 60 29.37 16.21 -1.61
N HIS A 61 29.11 16.09 -2.90
CA HIS A 61 28.87 14.79 -3.47
C HIS A 61 30.12 13.96 -3.56
N GLN A 62 31.26 14.62 -3.74
CA GLN A 62 32.55 13.90 -3.74
C GLN A 62 32.79 13.21 -2.40
N THR A 63 32.53 13.95 -1.32
CA THR A 63 32.56 13.39 0.03
C THR A 63 31.65 12.15 0.14
N THR A 64 30.45 12.25 -0.41
CA THR A 64 29.54 11.11 -0.42
C THR A 64 30.16 9.92 -1.13
N ILE A 65 30.65 10.16 -2.34
CA ILE A 65 31.33 9.11 -3.13
C ILE A 65 32.52 8.50 -2.41
N ASN A 66 33.43 9.35 -1.91
CA ASN A 66 34.62 8.87 -1.19
C ASN A 66 34.23 8.09 0.05
N ASN A 67 33.25 8.61 0.80
CA ASN A 67 32.81 7.97 2.02
C ASN A 67 32.14 6.64 1.77
N VAL A 68 31.32 6.57 0.73
CA VAL A 68 30.65 5.33 0.36
C VAL A 68 31.69 4.28 0.03
N ARG A 69 32.66 4.65 -0.80
CA ARG A 69 33.75 3.75 -1.18
C ARG A 69 34.58 3.26 0.02
N ALA A 70 34.95 4.18 0.91
CA ALA A 70 35.68 3.78 2.12
C ALA A 70 34.86 2.83 3.01
N ALA A 71 33.59 3.16 3.21
CA ALA A 71 32.71 2.30 4.03
C ALA A 71 32.57 0.90 3.43
N ALA A 72 32.36 0.84 2.13
CA ALA A 72 32.17 -0.42 1.46
C ALA A 72 33.47 -1.24 1.46
N ALA A 73 34.61 -0.56 1.33
CA ALA A 73 35.93 -1.22 1.38
C ALA A 73 36.19 -1.91 2.72
N GLU A 74 35.91 -1.20 3.81
CA GLU A 74 36.05 -1.76 5.16
C GLU A 74 35.15 -2.96 5.40
N LEU A 75 34.00 -2.98 4.74
CA LEU A 75 33.04 -4.06 4.97
C LEU A 75 33.18 -5.20 3.97
N GLY A 76 34.00 -4.99 2.94
CA GLY A 76 34.10 -5.90 1.81
C GLY A 76 32.80 -6.03 1.01
N LEU A 77 32.05 -4.93 0.87
CA LEU A 77 30.79 -4.93 0.10
C LEU A 77 30.94 -4.22 -1.24
N HIS A 78 30.19 -4.68 -2.24
CA HIS A 78 30.02 -3.95 -3.49
C HIS A 78 28.74 -3.14 -3.48
N ILE A 79 28.89 -1.82 -3.47
CA ILE A 79 27.76 -0.92 -3.28
C ILE A 79 27.65 0.00 -4.47
N GLY A 80 26.48 0.01 -5.11
CA GLY A 80 26.26 0.86 -6.27
C GLY A 80 26.21 2.31 -5.87
N ILE A 81 26.67 3.20 -6.75
CA ILE A 81 26.50 4.60 -6.53
C ILE A 81 25.67 5.21 -7.66
N ALA A 82 24.58 5.88 -7.30
CA ALA A 82 23.65 6.40 -8.31
C ALA A 82 23.63 7.91 -8.28
N LEU A 83 23.64 8.51 -9.46
CA LEU A 83 23.59 9.96 -9.54
C LEU A 83 22.22 10.38 -10.08
N ASP A 84 21.48 11.11 -9.26
CA ASP A 84 20.09 11.45 -9.59
C ASP A 84 20.10 12.89 -10.10
N THR A 85 19.79 13.11 -11.38
CA THR A 85 19.95 14.47 -11.95
C THR A 85 18.87 15.43 -11.48
N LYS A 86 19.24 16.71 -11.36
CA LYS A 86 18.24 17.76 -11.18
C LYS A 86 17.21 17.73 -12.30
N GLY A 87 17.68 17.71 -13.54
CA GLY A 87 16.79 17.66 -14.69
C GLY A 87 16.28 19.04 -15.05
N PRO A 88 15.74 19.19 -16.27
CA PRO A 88 15.26 20.51 -16.60
C PRO A 88 14.03 20.84 -15.77
N GLU A 89 13.68 22.12 -15.71
CA GLU A 89 12.66 22.64 -14.81
C GLU A 89 11.84 23.72 -15.51
N ILE A 90 10.58 23.86 -15.11
CA ILE A 90 9.87 25.10 -15.32
C ILE A 90 9.67 25.82 -13.98
N ARG A 91 9.96 27.11 -13.95
CA ARG A 91 9.76 27.90 -12.74
C ARG A 91 9.12 29.25 -13.04
N THR A 92 8.44 29.81 -12.05
CA THR A 92 8.08 31.21 -12.08
C THR A 92 9.33 32.08 -12.14
N GLY A 93 9.14 33.36 -12.46
CA GLY A 93 10.16 34.35 -12.15
C GLY A 93 10.13 34.78 -10.68
N LEU A 94 10.69 35.95 -10.40
CA LEU A 94 10.69 36.53 -9.06
C LEU A 94 9.44 37.37 -8.83
N PHE A 95 9.16 37.62 -7.56
CA PHE A 95 8.15 38.58 -7.19
C PHE A 95 8.75 39.81 -6.52
N LYS A 96 8.11 40.98 -6.74
CA LYS A 96 8.37 42.15 -5.89
C LYS A 96 8.19 41.76 -4.43
N ASP A 97 9.11 42.23 -3.58
CA ASP A 97 9.07 41.95 -2.16
C ASP A 97 9.30 40.46 -1.85
N GLY A 98 9.66 39.70 -2.88
CA GLY A 98 10.05 38.30 -2.71
C GLY A 98 8.89 37.34 -2.46
N GLU A 99 7.67 37.88 -2.47
CA GLU A 99 6.48 37.07 -2.19
C GLU A 99 5.18 37.77 -2.58
N VAL A 100 4.11 36.97 -2.72
CA VAL A 100 2.77 37.50 -2.98
C VAL A 100 1.73 36.45 -2.66
N SER A 101 0.61 36.88 -2.09
CA SER A 101 -0.42 35.96 -1.61
C SER A 101 -1.65 35.98 -2.49
N PHE A 102 -2.16 34.80 -2.81
CA PHE A 102 -3.33 34.68 -3.65
C PHE A 102 -4.49 34.08 -2.86
N ALA A 103 -5.70 34.51 -3.18
CA ALA A 103 -6.91 33.90 -2.63
C ALA A 103 -7.75 33.35 -3.76
N PRO A 104 -8.65 32.41 -3.46
CA PRO A 104 -9.55 31.89 -4.50
C PRO A 104 -10.28 33.01 -5.22
N GLY A 105 -10.48 32.86 -6.53
CA GLY A 105 -11.25 33.81 -7.31
C GLY A 105 -10.36 34.89 -7.94
N ASP A 106 -9.16 35.03 -7.40
CA ASP A 106 -8.21 36.00 -7.92
C ASP A 106 -7.91 35.70 -9.38
N ILE A 107 -7.97 36.75 -10.20
CA ILE A 107 -7.52 36.67 -11.58
C ILE A 107 -6.08 37.16 -11.66
N VAL A 108 -5.23 36.35 -12.30
CA VAL A 108 -3.83 36.73 -12.52
C VAL A 108 -3.35 36.36 -13.92
N CYS A 109 -2.63 37.28 -14.55
CA CYS A 109 -2.02 37.00 -15.85
C CYS A 109 -0.66 36.34 -15.67
N VAL A 110 -0.42 35.29 -16.42
CA VAL A 110 0.91 34.73 -16.51
C VAL A 110 1.42 34.90 -17.92
N THR A 111 2.69 35.25 -18.03
CA THR A 111 3.26 35.60 -19.31
C THR A 111 4.56 34.86 -19.49
N THR A 112 4.91 34.58 -20.74
CA THR A 112 6.20 34.01 -21.07
C THR A 112 7.14 35.09 -21.62
N ASP A 113 6.71 36.34 -21.58
CA ASP A 113 7.59 37.47 -21.92
C ASP A 113 8.61 37.73 -20.82
N PRO A 114 9.90 37.52 -21.12
CA PRO A 114 10.93 37.54 -20.07
C PRO A 114 11.19 38.93 -19.50
N ALA A 115 10.59 39.96 -20.09
CA ALA A 115 10.63 41.29 -19.49
C ALA A 115 10.13 41.25 -18.02
N TYR A 116 9.14 40.40 -17.76
CA TYR A 116 8.45 40.37 -16.47
C TYR A 116 9.15 39.47 -15.43
N GLU A 117 10.29 38.90 -15.81
CA GLU A 117 10.94 37.86 -15.03
C GLU A 117 11.21 38.22 -13.55
N LYS A 118 11.54 39.48 -13.28
CA LYS A 118 12.01 39.87 -11.94
C LYS A 118 11.02 40.76 -11.20
N VAL A 119 9.83 40.93 -11.78
CA VAL A 119 8.82 41.87 -11.25
C VAL A 119 7.41 41.28 -11.21
N GLY A 120 7.31 39.98 -10.91
CA GLY A 120 6.03 39.36 -10.55
C GLY A 120 5.23 40.13 -9.50
N THR A 121 3.92 40.24 -9.73
CA THR A 121 2.98 40.77 -8.74
C THR A 121 1.74 39.85 -8.67
N LYS A 122 0.77 40.24 -7.85
CA LYS A 122 -0.52 39.55 -7.78
C LYS A 122 -1.30 39.63 -9.11
N GLU A 123 -0.94 40.57 -9.97
CA GLU A 123 -1.68 40.78 -11.23
C GLU A 123 -1.05 40.04 -12.43
N LYS A 124 0.27 39.90 -12.40
CA LYS A 124 1.00 39.43 -13.58
C LYS A 124 2.34 38.87 -13.11
N PHE A 125 2.61 37.60 -13.44
CA PHE A 125 3.94 37.08 -13.23
C PHE A 125 4.44 36.18 -14.34
N TYR A 126 5.76 35.94 -14.32
CA TYR A 126 6.48 35.23 -15.37
C TYR A 126 6.58 33.72 -15.10
N ILE A 127 6.49 32.96 -16.18
CA ILE A 127 6.80 31.54 -16.17
C ILE A 127 7.74 31.24 -17.34
N ASP A 128 8.87 30.60 -17.07
CA ASP A 128 9.99 30.55 -18.02
C ASP A 128 9.81 29.46 -19.11
N TYR A 129 8.58 29.26 -19.57
CA TYR A 129 8.34 28.25 -20.59
C TYR A 129 7.71 28.84 -21.87
N PRO A 130 8.54 29.11 -22.91
CA PRO A 130 8.06 29.93 -24.05
C PRO A 130 6.86 29.32 -24.77
N GLN A 131 6.72 28.00 -24.73
CA GLN A 131 5.63 27.33 -25.45
C GLN A 131 4.32 27.29 -24.63
N LEU A 132 4.24 28.14 -23.59
CA LEU A 132 3.15 28.05 -22.62
C LEU A 132 1.76 28.15 -23.25
N THR A 133 1.56 29.15 -24.13
CA THR A 133 0.25 29.45 -24.66
C THR A 133 -0.17 28.45 -25.73
N ASN A 134 0.77 27.65 -26.20
CA ASN A 134 0.43 26.51 -27.04
C ASN A 134 0.07 25.29 -26.22
N ALA A 135 0.72 25.16 -25.06
CA ALA A 135 0.67 23.92 -24.28
C ALA A 135 -0.63 23.79 -23.44
N VAL A 136 -1.11 24.90 -22.88
CA VAL A 136 -2.34 24.89 -22.08
C VAL A 136 -3.41 25.78 -22.69
N ARG A 137 -4.51 25.17 -23.11
CA ARG A 137 -5.67 25.92 -23.62
C ARG A 137 -6.59 26.38 -22.48
N PRO A 138 -7.55 27.27 -22.80
CA PRO A 138 -8.59 27.63 -21.83
C PRO A 138 -9.31 26.41 -21.24
N GLY A 139 -9.48 26.39 -19.92
CA GLY A 139 -10.01 25.21 -19.24
C GLY A 139 -8.93 24.37 -18.57
N GLY A 140 -7.72 24.41 -19.13
CA GLY A 140 -6.61 23.62 -18.62
C GLY A 140 -6.03 24.19 -17.34
N SER A 141 -5.18 23.42 -16.70
CA SER A 141 -4.66 23.76 -15.37
C SER A 141 -3.16 24.05 -15.42
N ILE A 142 -2.71 24.99 -14.59
CA ILE A 142 -1.30 25.18 -14.32
C ILE A 142 -1.05 24.92 -12.84
N TYR A 143 -0.08 24.08 -12.52
CA TYR A 143 0.17 23.72 -11.14
C TYR A 143 1.36 24.51 -10.64
N VAL A 144 1.19 25.23 -9.52
CA VAL A 144 2.29 25.99 -8.97
C VAL A 144 2.79 25.47 -7.64
N ASP A 145 4.12 25.51 -7.48
CA ASP A 145 4.77 25.14 -6.21
C ASP A 145 4.40 23.73 -5.79
N ASP A 146 4.71 22.77 -6.66
CA ASP A 146 4.45 21.35 -6.38
C ASP A 146 2.98 21.04 -6.28
N GLY A 147 2.18 21.74 -7.08
CA GLY A 147 0.74 21.49 -7.13
C GLY A 147 -0.03 22.04 -5.95
N VAL A 148 0.66 22.68 -5.01
CA VAL A 148 -0.02 23.21 -3.81
C VAL A 148 -1.02 24.29 -4.20
N MET A 149 -0.73 24.99 -5.28
CA MET A 149 -1.63 26.00 -5.82
C MET A 149 -1.98 25.63 -7.23
N THR A 150 -3.22 25.87 -7.60
CA THR A 150 -3.75 25.47 -8.89
C THR A 150 -4.32 26.69 -9.61
N LEU A 151 -4.04 26.81 -10.92
CA LEU A 151 -4.65 27.86 -11.75
C LEU A 151 -5.47 27.25 -12.89
N ARG A 152 -6.69 27.73 -13.06
CA ARG A 152 -7.47 27.41 -14.26
C ARG A 152 -7.21 28.51 -15.28
N VAL A 153 -6.74 28.12 -16.46
CA VAL A 153 -6.58 29.07 -17.58
C VAL A 153 -7.94 29.48 -18.14
N VAL A 154 -8.23 30.78 -18.08
CA VAL A 154 -9.52 31.32 -18.51
C VAL A 154 -9.53 31.69 -19.97
N SER A 155 -8.57 32.52 -20.38
CA SER A 155 -8.44 32.86 -21.78
C SER A 155 -7.00 33.20 -22.17
N LYS A 156 -6.75 33.21 -23.47
CA LYS A 156 -5.47 33.62 -24.03
C LYS A 156 -5.54 35.08 -24.40
N GLU A 157 -4.71 35.90 -23.77
CA GLU A 157 -4.79 37.34 -23.98
C GLU A 157 -4.01 37.75 -25.22
N ASP A 158 -2.84 37.15 -25.39
CA ASP A 158 -2.06 37.31 -26.60
C ASP A 158 -1.18 36.09 -26.75
N ASP A 159 -0.25 36.12 -27.69
CA ASP A 159 0.54 34.93 -27.97
C ASP A 159 1.56 34.60 -26.85
N ARG A 160 1.64 35.46 -25.82
CA ARG A 160 2.53 35.19 -24.70
C ARG A 160 1.89 35.37 -23.32
N THR A 161 0.57 35.44 -23.28
CA THR A 161 -0.10 35.77 -22.04
C THR A 161 -1.42 35.04 -21.85
N LEU A 162 -1.51 34.30 -20.75
CA LEU A 162 -2.76 33.66 -20.31
C LEU A 162 -3.40 34.36 -19.09
N LYS A 163 -4.69 34.63 -19.18
CA LYS A 163 -5.47 35.10 -18.02
C LYS A 163 -5.91 33.90 -17.19
N CYS A 164 -5.56 33.91 -15.91
CA CYS A 164 -5.79 32.73 -15.05
C CYS A 164 -6.68 33.00 -13.84
N HIS A 165 -7.26 31.93 -13.32
CA HIS A 165 -8.10 31.97 -12.12
C HIS A 165 -7.49 31.16 -11.03
N VAL A 166 -7.27 31.76 -9.87
CA VAL A 166 -6.62 31.07 -8.75
C VAL A 166 -7.64 30.23 -8.01
N ASN A 167 -7.37 28.95 -7.85
CA ASN A 167 -8.32 28.01 -7.24
C ASN A 167 -8.30 27.97 -5.72
N ASN A 168 -7.21 28.41 -5.11
CA ASN A 168 -7.04 28.25 -3.66
C ASN A 168 -6.04 29.20 -3.00
N HIS A 169 -6.04 29.23 -1.67
CA HIS A 169 -5.14 30.10 -0.90
C HIS A 169 -3.70 29.62 -1.00
N HIS A 170 -2.80 30.53 -1.36
CA HIS A 170 -1.38 30.22 -1.30
C HIS A 170 -0.49 31.45 -1.33
N ARG A 171 0.60 31.36 -0.59
CA ARG A 171 1.66 32.37 -0.60
C ARG A 171 2.80 31.88 -1.50
N LEU A 172 3.24 32.73 -2.41
CA LEU A 172 4.12 32.31 -3.47
C LEU A 172 5.44 33.06 -3.33
N THR A 173 6.55 32.33 -3.29
CA THR A 173 7.86 32.98 -3.24
C THR A 173 8.61 32.88 -4.57
N ASP A 174 9.79 33.49 -4.64
CA ASP A 174 10.58 33.54 -5.86
C ASP A 174 10.82 32.15 -6.47
N ARG A 175 10.68 32.05 -7.79
CA ARG A 175 11.13 30.89 -8.53
CA ARG A 175 11.14 30.87 -8.52
C ARG A 175 10.57 29.56 -7.96
N ARG A 176 9.23 29.47 -7.92
CA ARG A 176 8.58 28.20 -7.59
C ARG A 176 8.45 27.30 -8.82
N GLY A 177 8.34 26.00 -8.57
CA GLY A 177 8.20 25.02 -9.65
C GLY A 177 6.85 25.11 -10.32
N ILE A 178 6.82 24.87 -11.64
CA ILE A 178 5.58 24.80 -12.40
C ILE A 178 5.41 23.41 -12.98
N ASN A 179 4.18 22.93 -13.01
CA ASN A 179 3.85 21.67 -13.65
C ASN A 179 2.69 21.89 -14.57
N LEU A 180 2.75 21.31 -15.76
CA LEU A 180 1.68 21.46 -16.75
C LEU A 180 0.96 20.13 -16.97
N PRO A 181 0.04 19.79 -16.06
CA PRO A 181 -0.57 18.46 -16.06
C PRO A 181 -1.15 18.14 -17.44
N GLY A 182 -0.76 17.02 -18.01
CA GLY A 182 -1.40 16.52 -19.22
C GLY A 182 -0.93 17.19 -20.49
N CYS A 183 0.05 18.10 -20.38
CA CYS A 183 0.65 18.73 -21.57
C CYS A 183 2.01 18.11 -21.88
N GLU A 184 2.29 17.94 -23.16
CA GLU A 184 3.65 17.72 -23.58
C GLU A 184 4.51 18.93 -23.22
N VAL A 185 5.80 18.70 -23.13
CA VAL A 185 6.70 19.65 -22.53
C VAL A 185 8.03 19.50 -23.21
N ASP A 186 8.43 20.53 -23.95
CA ASP A 186 9.53 20.38 -24.88
C ASP A 186 10.86 20.86 -24.32
N LEU A 187 11.07 20.67 -23.02
CA LEU A 187 12.39 20.87 -22.43
C LEU A 187 13.39 19.85 -22.99
N PRO A 188 14.68 20.24 -23.01
CA PRO A 188 15.74 19.31 -23.39
C PRO A 188 15.82 18.12 -22.43
N ALA A 189 16.33 17.01 -22.92
CA ALA A 189 16.61 15.85 -22.09
C ALA A 189 17.50 16.24 -20.93
N VAL A 190 18.49 17.06 -21.22
CA VAL A 190 19.47 17.41 -20.25
C VAL A 190 19.67 18.92 -20.23
N SER A 191 19.59 19.50 -19.05
CA SER A 191 19.87 20.92 -18.86
C SER A 191 21.39 21.17 -18.87
N GLU A 192 21.78 22.44 -18.94
CA GLU A 192 23.19 22.81 -18.90
C GLU A 192 23.87 22.34 -17.59
N LYS A 193 23.15 22.44 -16.49
CA LYS A 193 23.66 21.96 -15.21
C LYS A 193 23.84 20.44 -15.18
N ASP A 194 22.90 19.70 -15.76
CA ASP A 194 22.99 18.24 -15.80
C ASP A 194 24.31 17.80 -16.46
N ARG A 195 24.69 18.50 -17.54
CA ARG A 195 25.95 18.20 -18.23
C ARG A 195 27.17 18.24 -17.33
N LYS A 196 27.27 19.27 -16.51
CA LYS A 196 28.39 19.36 -15.58
C LYS A 196 28.30 18.29 -14.51
N ASP A 197 27.09 17.94 -14.12
CA ASP A 197 26.90 16.88 -13.16
C ASP A 197 27.18 15.49 -13.78
N LEU A 198 26.75 15.29 -15.02
CA LEU A 198 27.00 14.04 -15.73
C LEU A 198 28.48 13.83 -15.96
N GLU A 199 29.16 14.89 -16.40
CA GLU A 199 30.60 14.83 -16.64
C GLU A 199 31.32 14.49 -15.33
N PHE A 200 30.88 15.12 -14.24
CA PHE A 200 31.39 14.81 -12.93
C PHE A 200 31.16 13.34 -12.63
N GLY A 201 29.91 12.91 -12.87
CA GLY A 201 29.54 11.52 -12.67
C GLY A 201 30.44 10.55 -13.41
N VAL A 202 30.62 10.79 -14.71
CA VAL A 202 31.48 9.93 -15.52
C VAL A 202 32.94 9.92 -15.00
N ALA A 203 33.44 11.10 -14.63
CA ALA A 203 34.81 11.21 -14.12
C ALA A 203 35.00 10.41 -12.83
N GLN A 204 34.06 10.55 -11.88
CA GLN A 204 34.15 9.87 -10.59
C GLN A 204 33.79 8.38 -10.66
N GLY A 205 33.39 7.92 -11.85
CA GLY A 205 32.99 6.52 -12.08
C GLY A 205 31.71 6.05 -11.35
N VAL A 206 30.63 6.83 -11.42
CA VAL A 206 29.34 6.37 -10.85
C VAL A 206 28.74 5.24 -11.68
N ASP A 207 27.90 4.43 -11.05
CA ASP A 207 27.44 3.19 -11.67
C ASP A 207 26.15 3.37 -12.45
N MET A 208 25.36 4.35 -12.06
CA MET A 208 24.10 4.57 -12.74
C MET A 208 23.66 6.02 -12.63
N ILE A 209 22.94 6.49 -13.64
CA ILE A 209 22.21 7.72 -13.57
C ILE A 209 20.72 7.43 -13.33
N PHE A 210 20.14 8.10 -12.35
CA PHE A 210 18.70 8.26 -12.31
C PHE A 210 18.31 9.52 -13.06
N ALA A 211 17.90 9.37 -14.32
CA ALA A 211 17.65 10.50 -15.18
C ALA A 211 16.25 11.09 -15.01
N SER A 212 16.21 12.35 -14.60
CA SER A 212 14.96 13.01 -14.26
C SER A 212 14.11 13.33 -15.47
N PHE A 213 12.78 13.30 -15.27
CA PHE A 213 11.85 13.87 -16.20
C PHE A 213 11.99 13.32 -17.64
N ILE A 214 12.14 12.01 -17.77
CA ILE A 214 12.14 11.37 -19.08
C ILE A 214 10.74 11.21 -19.64
N ARG A 215 10.53 11.73 -20.84
CA ARG A 215 9.20 11.74 -21.44
C ARG A 215 9.15 10.94 -22.74
N THR A 216 10.32 10.76 -23.36
CA THR A 216 10.40 10.11 -24.68
C THR A 216 11.66 9.21 -24.76
N ALA A 217 11.62 8.20 -25.61
CA ALA A 217 12.83 7.42 -25.87
C ALA A 217 13.97 8.31 -26.42
N GLU A 218 13.61 9.30 -27.25
CA GLU A 218 14.58 10.21 -27.83
C GLU A 218 15.41 10.96 -26.75
N GLN A 219 14.77 11.38 -25.66
CA GLN A 219 15.50 11.93 -24.52
C GLN A 219 16.44 10.94 -23.76
N VAL A 220 16.03 9.68 -23.65
CA VAL A 220 16.91 8.68 -23.07
C VAL A 220 18.22 8.58 -23.90
N ARG A 221 18.10 8.57 -25.22
CA ARG A 221 19.28 8.51 -26.08
C ARG A 221 20.15 9.78 -25.95
N GLU A 222 19.52 10.93 -25.73
CA GLU A 222 20.29 12.14 -25.53
C GLU A 222 21.03 12.15 -24.21
N VAL A 223 20.50 11.45 -23.21
CA VAL A 223 21.25 11.28 -21.97
C VAL A 223 22.42 10.35 -22.21
N ARG A 224 22.21 9.29 -22.97
CA ARG A 224 23.30 8.37 -23.26
C ARG A 224 24.42 9.06 -24.05
N ALA A 225 24.03 9.87 -25.03
CA ALA A 225 25.01 10.58 -25.85
C ALA A 225 25.82 11.56 -24.99
N ALA A 226 25.18 12.14 -23.98
CA ALA A 226 25.84 13.07 -23.08
C ALA A 226 26.92 12.41 -22.24
N LEU A 227 26.70 11.14 -21.90
CA LEU A 227 27.65 10.39 -21.09
C LEU A 227 28.87 10.00 -21.92
N GLY A 228 28.69 9.94 -23.23
CA GLY A 228 29.80 9.73 -24.16
C GLY A 228 30.41 8.34 -24.11
N GLU A 229 31.61 8.20 -24.66
CA GLU A 229 32.29 6.91 -24.71
C GLU A 229 32.74 6.45 -23.32
N LYS A 230 33.20 7.40 -22.52
CA LYS A 230 33.69 7.07 -21.20
C LYS A 230 32.56 6.64 -20.25
N GLY A 231 31.33 6.98 -20.60
CA GLY A 231 30.17 6.60 -19.80
C GLY A 231 29.25 5.59 -20.50
N LYS A 232 29.76 4.94 -21.54
CA LYS A 232 28.95 3.99 -22.29
C LYS A 232 28.44 2.83 -21.43
N ASP A 233 29.10 2.54 -20.33
CA ASP A 233 28.79 1.36 -19.51
C ASP A 233 27.92 1.69 -18.28
N ILE A 234 27.64 2.97 -18.09
CA ILE A 234 26.85 3.40 -16.96
C ILE A 234 25.35 3.17 -17.23
N LEU A 235 24.65 2.54 -16.30
CA LEU A 235 23.19 2.28 -16.45
C LEU A 235 22.44 3.59 -16.46
N ILE A 236 21.49 3.74 -17.40
CA ILE A 236 20.49 4.82 -17.35
C ILE A 236 19.13 4.30 -16.85
N ILE A 237 18.76 4.71 -15.64
CA ILE A 237 17.47 4.41 -15.08
C ILE A 237 16.59 5.63 -15.30
N SER A 238 15.59 5.50 -16.13
CA SER A 238 14.74 6.64 -16.44
C SER A 238 13.65 6.84 -15.38
N LYS A 239 13.56 8.06 -14.87
CA LYS A 239 12.49 8.47 -13.98
C LYS A 239 11.23 8.85 -14.74
N ILE A 240 10.14 8.13 -14.50
CA ILE A 240 8.86 8.46 -15.08
C ILE A 240 8.11 9.45 -14.18
N GLU A 241 7.78 10.62 -14.70
CA GLU A 241 7.45 11.76 -13.85
C GLU A 241 6.19 12.48 -14.26
N ASN A 242 5.70 12.19 -15.48
CA ASN A 242 4.51 12.86 -15.99
C ASN A 242 3.74 12.00 -17.00
N HIS A 243 2.66 12.53 -17.54
CA HIS A 243 1.75 11.73 -18.33
C HIS A 243 2.44 11.20 -19.57
N GLN A 244 3.35 11.98 -20.13
CA GLN A 244 4.10 11.57 -21.31
C GLN A 244 4.93 10.34 -21.03
N GLY A 245 5.66 10.39 -19.93
CA GLY A 245 6.48 9.28 -19.51
C GLY A 245 5.65 8.02 -19.42
N VAL A 246 4.45 8.15 -18.86
CA VAL A 246 3.57 6.99 -18.73
C VAL A 246 3.07 6.53 -20.09
N GLN A 247 2.79 7.48 -20.96
CA GLN A 247 2.21 7.14 -22.23
C GLN A 247 3.23 6.47 -23.14
N ASN A 248 4.49 6.92 -23.07
CA ASN A 248 5.56 6.38 -23.91
C ASN A 248 6.39 5.29 -23.24
N ILE A 249 5.83 4.68 -22.19
CA ILE A 249 6.61 3.80 -21.33
C ILE A 249 7.28 2.67 -22.14
N ASP A 250 6.61 2.14 -23.15
CA ASP A 250 7.16 0.99 -23.93
C ASP A 250 8.52 1.33 -24.56
N SER A 251 8.56 2.46 -25.26
CA SER A 251 9.78 2.84 -25.96
C SER A 251 10.81 3.41 -25.00
N ILE A 252 10.35 3.99 -23.89
CA ILE A 252 11.29 4.43 -22.87
C ILE A 252 11.94 3.24 -22.17
N ILE A 253 11.16 2.21 -21.96
CA ILE A 253 11.71 0.97 -21.46
C ILE A 253 12.73 0.37 -22.44
N GLU A 254 12.37 0.31 -23.71
CA GLU A 254 13.29 -0.24 -24.71
C GLU A 254 14.65 0.47 -24.66
N ALA A 255 14.62 1.80 -24.52
CA ALA A 255 15.83 2.61 -24.60
C ALA A 255 16.64 2.64 -23.31
N SER A 256 16.03 2.27 -22.19
CA SER A 256 16.68 2.46 -20.89
C SER A 256 17.29 1.15 -20.40
N ASN A 257 18.13 1.23 -19.37
CA ASN A 257 18.56 0.01 -18.67
C ASN A 257 17.58 -0.36 -17.55
N GLY A 258 16.70 0.58 -17.19
CA GLY A 258 15.81 0.41 -16.05
C GLY A 258 14.89 1.60 -15.85
N ILE A 259 13.94 1.46 -14.94
CA ILE A 259 12.96 2.50 -14.70
C ILE A 259 12.87 2.83 -13.21
N MET A 260 12.63 4.10 -12.89
CA MET A 260 12.19 4.48 -11.55
C MET A 260 10.84 5.09 -11.62
N VAL A 261 9.92 4.56 -10.84
CA VAL A 261 8.61 5.13 -10.78
C VAL A 261 8.70 6.24 -9.78
N ALA A 262 8.89 7.47 -10.26
CA ALA A 262 9.14 8.60 -9.36
C ALA A 262 7.83 9.17 -8.87
N ARG A 263 7.23 8.51 -7.89
CA ARG A 263 5.84 8.76 -7.52
C ARG A 263 5.57 10.21 -7.07
N GLY A 264 6.55 10.83 -6.40
CA GLY A 264 6.39 12.20 -5.87
C GLY A 264 6.06 13.19 -6.98
N ASP A 265 6.90 13.21 -8.01
CA ASP A 265 6.69 14.08 -9.13
C ASP A 265 5.50 13.64 -9.99
N LEU A 266 5.39 12.33 -10.21
CA LEU A 266 4.29 11.81 -11.03
C LEU A 266 2.91 12.22 -10.43
N GLY A 267 2.82 12.18 -9.10
CA GLY A 267 1.58 12.48 -8.42
C GLY A 267 1.29 13.97 -8.34
N VAL A 268 2.24 14.79 -8.76
CA VAL A 268 1.95 16.18 -9.03
C VAL A 268 1.41 16.36 -10.44
N GLU A 269 1.91 15.57 -11.39
CA GLU A 269 1.47 15.70 -12.77
C GLU A 269 0.13 15.02 -13.08
N ILE A 270 -0.11 13.87 -12.47
CA ILE A 270 -1.34 13.13 -12.75
C ILE A 270 -2.12 13.00 -11.44
N PRO A 271 -3.44 12.83 -11.54
CA PRO A 271 -4.17 12.75 -10.28
C PRO A 271 -3.51 11.72 -9.35
N ALA A 272 -3.49 12.01 -8.05
CA ALA A 272 -2.77 11.19 -7.08
C ALA A 272 -3.22 9.71 -7.10
N GLU A 273 -4.53 9.49 -7.17
CA GLU A 273 -5.11 8.15 -7.28
C GLU A 273 -4.67 7.37 -8.54
N LYS A 274 -4.26 8.08 -9.60
CA LYS A 274 -3.90 7.39 -10.82
C LYS A 274 -2.45 6.89 -10.75
N VAL A 275 -1.76 7.23 -9.66
CA VAL A 275 -0.38 6.83 -9.52
C VAL A 275 -0.31 5.31 -9.27
N CYS A 276 -1.28 4.77 -8.56
CA CYS A 276 -1.30 3.34 -8.28
CA CYS A 276 -1.29 3.34 -8.29
C CYS A 276 -1.48 2.52 -9.57
N VAL A 277 -2.28 3.04 -10.48
CA VAL A 277 -2.47 2.37 -11.74
C VAL A 277 -1.18 2.39 -12.58
N ALA A 278 -0.48 3.53 -12.58
CA ALA A 278 0.77 3.68 -13.37
C ALA A 278 1.86 2.80 -12.79
N GLN A 279 1.97 2.82 -11.46
CA GLN A 279 2.89 1.97 -10.77
C GLN A 279 2.72 0.51 -11.18
N MET A 280 1.50 -0.01 -11.10
CA MET A 280 1.27 -1.42 -11.33
C MET A 280 1.62 -1.78 -12.78
N CYS A 281 1.28 -0.89 -13.70
CA CYS A 281 1.52 -1.10 -15.11
C CYS A 281 3.02 -1.03 -15.43
N ILE A 282 3.66 0.07 -15.02
CA ILE A 282 5.08 0.27 -15.29
C ILE A 282 5.91 -0.88 -14.69
N ILE A 283 5.63 -1.23 -13.43
CA ILE A 283 6.35 -2.34 -12.81
C ILE A 283 6.19 -3.64 -13.60
N SER A 284 4.97 -3.97 -13.97
CA SER A 284 4.75 -5.21 -14.71
C SER A 284 5.42 -5.18 -16.12
N LYS A 285 5.48 -4.02 -16.73
CA LYS A 285 6.04 -3.93 -18.06
C LYS A 285 7.57 -4.10 -18.00
N CYS A 286 8.19 -3.55 -16.96
CA CYS A 286 9.59 -3.84 -16.70
C CYS A 286 9.83 -5.30 -16.42
N ASN A 287 9.01 -5.91 -15.56
CA ASN A 287 9.15 -7.35 -15.27
C ASN A 287 9.14 -8.15 -16.57
N VAL A 288 8.26 -7.77 -17.50
CA VAL A 288 8.04 -8.58 -18.70
C VAL A 288 9.23 -8.57 -19.66
N VAL A 289 9.92 -7.43 -19.76
CA VAL A 289 11.13 -7.36 -20.58
C VAL A 289 12.41 -7.64 -19.76
N GLY A 290 12.29 -7.73 -18.44
CA GLY A 290 13.43 -8.05 -17.59
C GLY A 290 14.42 -6.91 -17.40
N LYS A 291 13.90 -5.73 -17.10
CA LYS A 291 14.72 -4.63 -16.71
C LYS A 291 14.34 -4.16 -15.29
N PRO A 292 15.34 -3.72 -14.52
CA PRO A 292 15.05 -3.41 -13.12
C PRO A 292 14.15 -2.19 -13.02
N VAL A 293 13.32 -2.20 -11.99
CA VAL A 293 12.45 -1.11 -11.73
C VAL A 293 12.50 -0.78 -10.26
N ILE A 294 12.56 0.51 -9.97
CA ILE A 294 12.62 0.99 -8.61
C ILE A 294 11.33 1.72 -8.28
N CYS A 295 10.76 1.43 -7.11
CA CYS A 295 9.65 2.19 -6.59
C CYS A 295 10.17 3.22 -5.58
N ALA A 296 9.70 4.47 -5.70
CA ALA A 296 10.25 5.59 -4.91
C ALA A 296 9.16 6.47 -4.29
N THR A 297 9.53 7.12 -3.18
CA THR A 297 8.82 8.30 -2.63
C THR A 297 7.91 8.01 -1.45
N GLN A 298 8.33 8.47 -0.28
CA GLN A 298 7.46 8.53 0.88
C GLN A 298 7.05 7.14 1.36
N MET A 299 7.83 6.13 1.00
CA MET A 299 7.44 4.76 1.30
C MET A 299 7.40 4.52 2.80
N LEU A 300 8.26 5.21 3.54
CA LEU A 300 8.27 5.09 4.99
C LEU A 300 8.41 6.49 5.62
N GLU A 301 7.67 7.44 5.05
CA GLU A 301 7.93 8.85 5.27
C GLU A 301 7.92 9.22 6.77
N SER A 302 6.92 8.75 7.51
CA SER A 302 6.75 9.12 8.90
C SER A 302 7.99 8.81 9.79
N MET A 303 8.78 7.83 9.38
CA MET A 303 10.03 7.46 10.08
C MET A 303 11.16 8.48 9.86
N THR A 304 10.91 9.50 9.06
CA THR A 304 11.78 10.67 9.09
C THR A 304 11.85 11.27 10.51
N SER A 305 10.74 11.18 11.26
CA SER A 305 10.65 11.75 12.62
C SER A 305 10.32 10.73 13.71
N ASN A 306 9.63 9.65 13.33
CA ASN A 306 9.17 8.68 14.31
C ASN A 306 9.94 7.37 14.21
N PRO A 307 10.11 6.68 15.34
CA PRO A 307 10.88 5.42 15.35
C PRO A 307 10.07 4.25 14.74
N ARG A 308 8.81 4.51 14.42
CA ARG A 308 7.92 3.49 13.86
C ARG A 308 7.16 4.05 12.65
N PRO A 309 7.00 3.23 11.61
CA PRO A 309 6.23 3.60 10.41
C PRO A 309 4.75 3.52 10.67
N THR A 310 3.94 4.16 9.82
CA THR A 310 2.49 3.94 9.86
C THR A 310 2.08 2.62 9.17
N ARG A 311 0.86 2.17 9.43
CA ARG A 311 0.31 1.01 8.80
C ARG A 311 0.24 1.14 7.26
N ALA A 312 -0.04 2.36 6.78
CA ALA A 312 -0.06 2.61 5.34
C ALA A 312 1.32 2.40 4.74
N GLU A 313 2.34 2.81 5.49
CA GLU A 313 3.67 2.81 4.94
C GLU A 313 4.22 1.39 4.87
N VAL A 314 3.86 0.57 5.85
CA VAL A 314 4.25 -0.82 5.82
C VAL A 314 3.61 -1.57 4.65
N SER A 315 2.32 -1.35 4.44
CA SER A 315 1.69 -2.00 3.32
C SER A 315 2.20 -1.49 1.94
N ASP A 316 2.68 -0.23 1.90
CA ASP A 316 3.14 0.36 0.66
C ASP A 316 4.39 -0.36 0.18
N VAL A 317 5.32 -0.58 1.11
CA VAL A 317 6.53 -1.32 0.80
C VAL A 317 6.21 -2.73 0.43
N ALA A 318 5.34 -3.39 1.21
CA ALA A 318 5.02 -4.79 0.92
C ALA A 318 4.43 -4.91 -0.48
N ASN A 319 3.55 -3.99 -0.83
CA ASN A 319 2.79 -4.09 -2.06
C ASN A 319 3.62 -3.71 -3.27
N ALA A 320 4.64 -2.87 -3.07
CA ALA A 320 5.57 -2.59 -4.16
C ALA A 320 6.36 -3.86 -4.51
N VAL A 321 6.75 -4.61 -3.48
CA VAL A 321 7.43 -5.87 -3.67
C VAL A 321 6.50 -6.89 -4.33
N LEU A 322 5.27 -6.97 -3.85
CA LEU A 322 4.26 -7.85 -4.48
C LEU A 322 3.91 -7.46 -5.94
N ASN A 323 3.87 -6.15 -6.24
CA ASN A 323 3.72 -5.68 -7.61
C ASN A 323 4.80 -6.25 -8.52
N GLY A 324 6.02 -6.43 -7.97
CA GLY A 324 7.14 -6.94 -8.75
C GLY A 324 8.38 -6.04 -8.83
N ALA A 325 8.40 -4.96 -8.04
CA ALA A 325 9.54 -4.06 -8.08
C ALA A 325 10.84 -4.80 -7.65
N ASP A 326 11.93 -4.58 -8.37
CA ASP A 326 13.22 -5.06 -7.89
C ASP A 326 13.61 -4.31 -6.63
N CYS A 327 13.51 -2.98 -6.67
CA CYS A 327 14.00 -2.15 -5.60
C CYS A 327 12.93 -1.27 -4.99
N VAL A 328 13.16 -0.90 -3.73
CA VAL A 328 12.43 0.17 -3.09
C VAL A 328 13.42 1.22 -2.57
N MET A 329 12.98 2.48 -2.57
CA MET A 329 13.89 3.57 -2.35
C MET A 329 13.52 4.33 -1.08
N LEU A 330 14.52 4.92 -0.45
CA LEU A 330 14.32 5.90 0.61
C LEU A 330 14.95 7.26 0.22
N SER A 331 14.23 8.35 0.49
CA SER A 331 14.73 9.67 0.16
C SER A 331 15.09 10.44 1.43
N GLY A 332 14.17 11.27 1.90
CA GLY A 332 14.41 12.08 3.10
C GLY A 332 14.55 11.20 4.33
N GLU A 333 13.95 10.01 4.26
CA GLU A 333 14.00 9.08 5.38
C GLU A 333 15.43 8.82 5.82
N THR A 334 16.34 8.75 4.84
CA THR A 334 17.75 8.54 5.14
C THR A 334 18.63 9.78 4.92
N ALA A 335 18.18 10.70 4.09
CA ALA A 335 18.94 11.92 3.82
C ALA A 335 18.97 12.86 5.04
N LYS A 336 17.82 13.01 5.68
CA LYS A 336 17.54 14.14 6.57
C LYS A 336 16.91 13.65 7.85
N GLY A 337 16.75 12.33 8.00
CA GLY A 337 15.85 11.79 9.02
C GLY A 337 16.51 11.46 10.35
N LYS A 338 15.71 11.25 11.37
CA LYS A 338 16.22 10.93 12.71
C LYS A 338 16.66 9.47 12.90
N TYR A 339 16.17 8.58 12.05
CA TYR A 339 16.25 7.14 12.33
C TYR A 339 16.72 6.32 11.12
N PRO A 340 17.79 6.80 10.47
CA PRO A 340 18.15 6.24 9.18
C PRO A 340 18.44 4.73 9.19
N ASN A 341 19.02 4.21 10.27
CA ASN A 341 19.26 2.75 10.36
C ASN A 341 17.98 1.99 10.56
N GLU A 342 17.13 2.51 11.42
CA GLU A 342 15.94 1.80 11.81
C GLU A 342 14.99 1.67 10.61
N VAL A 343 14.97 2.71 9.77
CA VAL A 343 14.05 2.73 8.64
C VAL A 343 14.50 1.76 7.53
N VAL A 344 15.81 1.68 7.33
CA VAL A 344 16.35 0.67 6.43
C VAL A 344 16.11 -0.77 6.97
N GLN A 345 16.16 -0.93 8.29
CA GLN A 345 15.96 -2.24 8.88
C GLN A 345 14.49 -2.67 8.74
N TYR A 346 13.59 -1.71 8.95
CA TYR A 346 12.17 -1.92 8.73
C TYR A 346 11.89 -2.27 7.26
N MET A 347 12.45 -1.48 6.35
CA MET A 347 12.27 -1.73 4.90
C MET A 347 12.69 -3.15 4.54
N ALA A 348 13.83 -3.56 5.09
CA ALA A 348 14.36 -4.91 4.84
C ALA A 348 13.46 -6.00 5.39
N ARG A 349 12.93 -5.80 6.60
CA ARG A 349 12.00 -6.77 7.20
C ARG A 349 10.73 -6.85 6.38
N ILE A 350 10.20 -5.71 5.95
CA ILE A 350 8.97 -5.76 5.16
C ILE A 350 9.22 -6.44 3.80
N CYS A 351 10.35 -6.13 3.16
CA CYS A 351 10.74 -6.81 1.94
C CYS A 351 10.70 -8.33 2.08
N VAL A 352 11.28 -8.83 3.17
CA VAL A 352 11.45 -10.27 3.37
C VAL A 352 10.08 -10.91 3.57
N GLU A 353 9.21 -10.21 4.29
CA GLU A 353 7.86 -10.68 4.56
C GLU A 353 7.00 -10.75 3.27
N ALA A 354 7.08 -9.72 2.44
CA ALA A 354 6.33 -9.70 1.19
C ALA A 354 6.84 -10.78 0.23
N GLN A 355 8.15 -10.90 0.13
CA GLN A 355 8.80 -12.01 -0.58
C GLN A 355 8.29 -13.39 -0.12
N SER A 356 8.20 -13.61 1.19
CA SER A 356 7.79 -14.94 1.70
C SER A 356 6.31 -15.19 1.45
N ALA A 357 5.56 -14.11 1.27
CA ALA A 357 4.14 -14.24 1.01
C ALA A 357 3.87 -14.35 -0.49
N THR A 358 4.92 -14.27 -1.31
CA THR A 358 4.74 -14.36 -2.77
C THR A 358 4.60 -15.84 -3.20
N HIS A 359 3.60 -16.16 -4.02
CA HIS A 359 3.56 -17.50 -4.61
C HIS A 359 4.75 -17.73 -5.49
N ASP A 360 5.50 -18.79 -5.21
CA ASP A 360 6.82 -18.91 -5.80
CA ASP A 360 6.83 -19.01 -5.80
C ASP A 360 6.88 -19.01 -7.33
N THR A 361 5.85 -19.54 -7.98
CA THR A 361 5.99 -19.83 -9.41
C THR A 361 5.08 -19.01 -10.31
N VAL A 362 4.21 -18.22 -9.70
CA VAL A 362 3.21 -17.50 -10.44
C VAL A 362 3.84 -16.44 -11.34
N MET A 363 4.86 -15.73 -10.83
CA MET A 363 5.58 -14.77 -11.66
C MET A 363 6.33 -15.45 -12.78
N PHE A 364 7.13 -16.45 -12.41
CA PHE A 364 7.82 -17.26 -13.40
C PHE A 364 6.91 -17.63 -14.59
N ASN A 365 5.78 -18.23 -14.31
CA ASN A 365 4.86 -18.62 -15.36
C ASN A 365 4.28 -17.48 -16.14
N SER A 366 3.93 -16.41 -15.44
CA SER A 366 3.24 -15.31 -16.07
C SER A 366 4.20 -14.62 -17.01
N ILE A 367 5.42 -14.44 -16.54
CA ILE A 367 6.45 -13.80 -17.32
C ILE A 367 6.84 -14.63 -18.56
N LYS A 368 7.04 -15.94 -18.35
CA LYS A 368 7.38 -16.89 -19.42
C LYS A 368 6.31 -16.94 -20.53
N ASN A 369 5.05 -16.90 -20.15
CA ASN A 369 3.93 -17.04 -21.09
C ASN A 369 3.76 -15.81 -22.01
N LEU A 370 4.37 -14.69 -21.63
CA LEU A 370 4.27 -13.52 -22.45
C LEU A 370 5.50 -13.29 -23.35
N GLN A 371 6.50 -14.17 -23.29
CA GLN A 371 7.68 -14.01 -24.15
C GLN A 371 7.39 -14.49 -25.56
N LYS A 372 7.87 -13.78 -26.55
CA LYS A 372 7.75 -14.24 -27.93
C LYS A 372 8.53 -15.54 -28.16
N ILE A 373 7.94 -16.47 -28.89
CA ILE A 373 8.61 -17.71 -29.29
C ILE A 373 8.89 -17.63 -30.79
N PRO A 374 10.13 -17.94 -31.22
CA PRO A 374 11.24 -18.57 -30.43
C PRO A 374 12.01 -17.57 -29.59
N MET A 375 12.48 -17.99 -28.42
CA MET A 375 13.44 -17.18 -27.67
C MET A 375 14.81 -17.30 -28.31
N CYS A 376 15.68 -16.37 -28.02
CA CYS A 376 17.07 -16.62 -28.28
CA CYS A 376 17.10 -16.54 -28.23
C CYS A 376 17.58 -17.67 -27.31
N PRO A 377 18.67 -18.36 -27.69
CA PRO A 377 19.06 -19.50 -26.91
C PRO A 377 19.38 -19.17 -25.46
N GLU A 378 20.00 -18.02 -25.19
CA GLU A 378 20.38 -17.73 -23.77
C GLU A 378 19.19 -17.48 -22.87
N GLU A 379 18.10 -17.00 -23.44
CA GLU A 379 16.92 -16.77 -22.66
C GLU A 379 16.18 -18.09 -22.42
N ALA A 380 16.23 -18.99 -23.40
CA ALA A 380 15.71 -20.33 -23.19
C ALA A 380 16.53 -21.05 -22.13
N VAL A 381 17.84 -20.84 -22.16
CA VAL A 381 18.72 -21.37 -21.14
C VAL A 381 18.41 -20.81 -19.76
N CYS A 382 18.18 -19.50 -19.68
CA CYS A 382 17.98 -18.88 -18.38
C CYS A 382 16.60 -19.20 -17.75
N SER A 383 15.56 -19.16 -18.56
CA SER A 383 14.26 -19.46 -18.07
C SER A 383 14.12 -20.94 -17.71
N SER A 384 14.75 -21.82 -18.47
CA SER A 384 14.69 -23.25 -18.14
CA SER A 384 14.71 -23.26 -18.16
C SER A 384 15.59 -23.65 -16.96
N ALA A 385 16.65 -22.91 -16.73
CA ALA A 385 17.43 -23.04 -15.51
C ALA A 385 16.56 -22.72 -14.28
N VAL A 386 15.80 -21.62 -14.33
CA VAL A 386 14.98 -21.22 -13.19
C VAL A 386 13.91 -22.30 -12.98
N ALA A 387 13.41 -22.86 -14.07
CA ALA A 387 12.44 -23.93 -13.98
C ALA A 387 13.03 -25.14 -13.24
N SER A 388 14.26 -25.48 -13.58
CA SER A 388 14.90 -26.61 -12.96
CA SER A 388 14.96 -26.59 -12.96
C SER A 388 15.22 -26.31 -11.48
N ALA A 389 15.55 -25.06 -11.19
CA ALA A 389 15.69 -24.65 -9.80
C ALA A 389 14.41 -24.90 -8.99
N PHE A 390 13.25 -24.60 -9.55
CA PHE A 390 12.01 -24.86 -8.83
C PHE A 390 11.76 -26.37 -8.67
N GLU A 391 12.10 -27.11 -9.71
CA GLU A 391 11.84 -28.53 -9.72
C GLU A 391 12.65 -29.37 -8.72
N VAL A 392 13.89 -28.94 -8.42
CA VAL A 392 14.70 -29.59 -7.41
C VAL A 392 14.78 -28.80 -6.13
N GLN A 393 14.03 -27.70 -6.06
CA GLN A 393 14.05 -26.86 -4.86
C GLN A 393 15.50 -26.43 -4.60
N ALA A 394 16.21 -26.08 -5.68
CA ALA A 394 17.55 -25.50 -5.56
C ALA A 394 17.58 -24.41 -4.48
N LYS A 395 18.65 -24.41 -3.68
CA LYS A 395 18.82 -23.36 -2.69
C LYS A 395 19.57 -22.15 -3.24
N ALA A 396 20.26 -22.34 -4.36
CA ALA A 396 20.90 -21.24 -5.03
C ALA A 396 21.02 -21.53 -6.51
N MET A 397 21.14 -20.48 -7.31
CA MET A 397 21.65 -20.58 -8.67
C MET A 397 22.98 -19.88 -8.75
N LEU A 398 23.77 -20.25 -9.75
CA LEU A 398 25.09 -19.65 -9.94
C LEU A 398 25.28 -19.37 -11.43
N VAL A 399 25.65 -18.14 -11.77
CA VAL A 399 25.73 -17.74 -13.16
C VAL A 399 26.98 -16.93 -13.33
N LEU A 400 27.67 -17.16 -14.44
CA LEU A 400 28.84 -16.38 -14.83
C LEU A 400 28.40 -15.25 -15.72
N SER A 401 28.72 -14.03 -15.34
CA SER A 401 28.30 -12.89 -16.13
C SER A 401 29.30 -11.75 -16.05
N ASN A 402 29.70 -11.25 -17.20
CA ASN A 402 30.74 -10.23 -17.22
C ASN A 402 30.14 -8.85 -17.34
N THR A 403 29.07 -8.74 -18.10
CA THR A 403 28.37 -7.47 -18.23
C THR A 403 27.23 -7.33 -17.23
N GLY A 404 26.76 -8.45 -16.69
CA GLY A 404 25.53 -8.48 -15.91
C GLY A 404 24.32 -9.00 -16.67
N ARG A 405 24.41 -9.01 -18.00
CA ARG A 405 23.30 -9.37 -18.87
CA ARG A 405 23.28 -9.36 -18.84
C ARG A 405 22.62 -10.68 -18.41
N SER A 406 23.43 -11.72 -18.26
CA SER A 406 22.93 -13.07 -17.97
C SER A 406 22.36 -13.18 -16.57
N ALA A 407 22.97 -12.49 -15.61
CA ALA A 407 22.37 -12.38 -14.27
C ALA A 407 20.99 -11.73 -14.29
N ARG A 408 20.87 -10.62 -15.01
CA ARG A 408 19.58 -9.95 -15.13
C ARG A 408 18.55 -10.81 -15.86
N LEU A 409 19.04 -11.64 -16.77
CA LEU A 409 18.17 -12.52 -17.54
C LEU A 409 17.61 -13.66 -16.69
N ILE A 410 18.42 -14.19 -15.78
CA ILE A 410 17.93 -15.16 -14.81
C ILE A 410 16.96 -14.49 -13.83
N SER A 411 17.30 -13.30 -13.34
CA SER A 411 16.47 -12.63 -12.36
C SER A 411 15.09 -12.31 -12.95
N LYS A 412 15.07 -12.06 -14.26
CA LYS A 412 13.84 -11.78 -14.96
C LYS A 412 12.78 -12.86 -14.64
N TYR A 413 13.23 -14.10 -14.49
CA TYR A 413 12.29 -15.24 -14.31
C TYR A 413 11.98 -15.52 -12.85
N ARG A 414 12.46 -14.65 -11.97
CA ARG A 414 12.01 -14.61 -10.60
C ARG A 414 12.16 -15.99 -9.88
N PRO A 415 13.37 -16.54 -9.83
CA PRO A 415 13.58 -17.69 -8.94
C PRO A 415 13.25 -17.31 -7.49
N ASN A 416 13.04 -18.31 -6.64
CA ASN A 416 12.79 -18.03 -5.24
C ASN A 416 14.06 -18.17 -4.36
N CYS A 417 15.23 -18.30 -4.99
CA CYS A 417 16.50 -18.47 -4.28
C CYS A 417 17.51 -17.41 -4.73
N PRO A 418 18.61 -17.25 -3.98
CA PRO A 418 19.66 -16.34 -4.41
C PRO A 418 20.20 -16.69 -5.78
N ILE A 419 20.59 -15.67 -6.53
CA ILE A 419 21.30 -15.88 -7.78
C ILE A 419 22.73 -15.37 -7.57
N ILE A 420 23.68 -16.28 -7.38
CA ILE A 420 25.08 -15.91 -7.17
C ILE A 420 25.70 -15.63 -8.53
N CYS A 421 26.21 -14.42 -8.72
CA CYS A 421 26.82 -14.05 -10.00
C CYS A 421 28.34 -13.92 -9.85
N VAL A 422 29.09 -14.71 -10.61
CA VAL A 422 30.54 -14.52 -10.62
C VAL A 422 30.93 -13.67 -11.81
N THR A 423 31.42 -12.45 -11.53
CA THR A 423 31.69 -11.49 -12.58
C THR A 423 33.19 -11.12 -12.61
N THR A 424 33.67 -10.70 -13.78
CA THR A 424 35.06 -10.24 -13.92
C THR A 424 35.20 -8.71 -13.84
N ARG A 425 34.11 -8.03 -13.48
CA ARG A 425 34.10 -6.55 -13.46
C ARG A 425 33.51 -6.06 -12.15
N LEU A 426 34.24 -5.18 -11.46
CA LEU A 426 33.74 -4.64 -10.20
C LEU A 426 32.51 -3.80 -10.42
N GLN A 427 32.42 -3.17 -11.59
CA GLN A 427 31.28 -2.33 -11.88
C GLN A 427 30.00 -3.12 -12.07
N THR A 428 30.11 -4.29 -12.68
CA THR A 428 28.98 -5.21 -12.74
C THR A 428 28.51 -5.62 -11.34
N CYS A 429 29.46 -5.94 -10.45
CA CYS A 429 29.10 -6.18 -9.04
C CYS A 429 28.23 -5.08 -8.51
N ARG A 430 28.61 -3.82 -8.76
CA ARG A 430 27.91 -2.69 -8.18
C ARG A 430 26.55 -2.45 -8.86
N GLN A 431 26.51 -2.67 -10.17
CA GLN A 431 25.33 -2.41 -10.95
C GLN A 431 24.26 -3.50 -10.80
N LEU A 432 24.67 -4.72 -10.47
CA LEU A 432 23.70 -5.75 -10.17
C LEU A 432 22.94 -5.53 -8.86
N ASN A 433 23.31 -4.48 -8.12
CA ASN A 433 22.59 -4.15 -6.88
C ASN A 433 21.17 -3.71 -7.11
N VAL A 434 20.81 -3.35 -8.34
CA VAL A 434 19.40 -2.98 -8.62
C VAL A 434 18.58 -4.17 -9.15
N THR A 435 19.16 -5.34 -9.13
CA THR A 435 18.49 -6.50 -9.70
C THR A 435 18.12 -7.52 -8.61
N ARG A 436 16.84 -7.84 -8.53
CA ARG A 436 16.30 -8.75 -7.53
C ARG A 436 17.08 -10.06 -7.44
N SER A 437 17.37 -10.49 -6.19
CA SER A 437 17.92 -11.83 -5.92
C SER A 437 19.43 -11.95 -6.12
N VAL A 438 20.02 -11.05 -6.88
CA VAL A 438 21.41 -11.29 -7.30
C VAL A 438 22.42 -10.96 -6.18
N VAL A 439 23.42 -11.82 -6.03
CA VAL A 439 24.53 -11.58 -5.10
C VAL A 439 25.85 -11.80 -5.83
N SER A 440 26.68 -10.76 -5.91
CA SER A 440 27.88 -10.75 -6.77
C SER A 440 29.16 -11.19 -6.07
N VAL A 441 29.95 -12.01 -6.74
CA VAL A 441 31.33 -12.29 -6.35
C VAL A 441 32.31 -11.89 -7.48
N PHE A 442 33.41 -11.22 -7.11
CA PHE A 442 34.36 -10.70 -8.09
C PHE A 442 35.43 -11.69 -8.37
N TYR A 443 35.61 -12.04 -9.64
CA TYR A 443 36.72 -12.87 -10.05
C TYR A 443 37.79 -12.00 -10.71
N ASP A 444 38.99 -12.00 -10.12
CA ASP A 444 40.10 -11.17 -10.60
C ASP A 444 40.91 -11.93 -11.64
N ALA A 445 40.67 -11.62 -12.91
CA ALA A 445 41.32 -12.33 -14.00
C ALA A 445 42.77 -11.90 -14.18
N ALA A 446 43.07 -10.67 -13.76
CA ALA A 446 44.46 -10.20 -13.71
C ALA A 446 45.31 -11.07 -12.79
N LYS A 447 44.88 -11.24 -11.54
CA LYS A 447 45.54 -12.16 -10.61
C LYS A 447 45.46 -13.62 -11.07
N SER A 448 44.24 -14.13 -11.29
CA SER A 448 44.01 -15.58 -11.25
C SER A 448 44.05 -16.29 -12.60
N GLY A 449 44.02 -15.54 -13.68
CA GLY A 449 44.20 -16.11 -15.01
C GLY A 449 42.91 -16.23 -15.82
N GLU A 450 43.02 -16.86 -16.99
CA GLU A 450 42.02 -16.69 -18.05
C GLU A 450 40.66 -17.32 -17.70
N ASP A 451 40.71 -18.50 -17.06
CA ASP A 451 39.51 -19.31 -16.76
C ASP A 451 38.64 -19.67 -17.97
N LYS A 452 39.27 -20.05 -19.09
CA LYS A 452 38.53 -20.40 -20.29
C LYS A 452 37.50 -21.50 -20.05
N ASP A 453 37.84 -22.46 -19.21
CA ASP A 453 36.96 -23.58 -18.92
C ASP A 453 36.02 -23.35 -17.70
N LYS A 454 36.03 -22.12 -17.17
CA LYS A 454 35.00 -21.66 -16.21
C LYS A 454 35.19 -22.27 -14.82
N GLU A 455 36.08 -23.24 -14.71
CA GLU A 455 36.24 -23.99 -13.46
C GLU A 455 36.62 -23.16 -12.25
N LYS A 456 37.54 -22.23 -12.40
CA LYS A 456 37.90 -21.35 -11.27
C LYS A 456 36.73 -20.46 -10.84
N ARG A 457 36.01 -19.90 -11.81
CA ARG A 457 34.89 -19.03 -11.47
C ARG A 457 33.76 -19.81 -10.82
N VAL A 458 33.55 -21.04 -11.28
CA VAL A 458 32.53 -21.89 -10.68
C VAL A 458 32.89 -22.28 -9.26
N LYS A 459 34.14 -22.65 -9.05
CA LYS A 459 34.60 -22.94 -7.71
C LYS A 459 34.47 -21.72 -6.77
N LEU A 460 34.87 -20.55 -7.25
CA LEU A 460 34.71 -19.34 -6.47
C LEU A 460 33.24 -19.16 -6.05
N GLY A 461 32.32 -19.37 -6.99
CA GLY A 461 30.89 -19.24 -6.72
C GLY A 461 30.34 -20.24 -5.71
N LEU A 462 30.71 -21.51 -5.88
CA LEU A 462 30.29 -22.55 -4.96
C LEU A 462 30.88 -22.37 -3.56
N ASP A 463 32.12 -21.90 -3.48
CA ASP A 463 32.74 -21.57 -2.20
C ASP A 463 31.96 -20.44 -1.53
N PHE A 464 31.62 -19.43 -2.34
CA PHE A 464 30.82 -18.31 -1.86
C PHE A 464 29.48 -18.78 -1.31
N ALA A 465 28.80 -19.64 -2.04
CA ALA A 465 27.49 -20.16 -1.62
C ALA A 465 27.59 -20.84 -0.26
N LYS A 466 28.70 -21.55 -0.06
CA LYS A 466 28.94 -22.30 1.17
C LYS A 466 29.32 -21.37 2.33
N LYS A 467 30.25 -20.47 2.07
CA LYS A 467 30.70 -19.51 3.07
C LYS A 467 29.56 -18.62 3.54
N GLU A 468 28.72 -18.18 2.61
CA GLU A 468 27.67 -17.22 2.92
C GLU A 468 26.38 -17.89 3.38
N LYS A 469 26.38 -19.22 3.42
CA LYS A 469 25.26 -19.99 3.97
C LYS A 469 24.00 -19.96 3.11
N TYR A 470 24.17 -19.75 1.80
CA TYR A 470 23.12 -20.06 0.85
C TYR A 470 22.82 -21.55 0.75
N ALA A 471 23.86 -22.37 0.82
CA ALA A 471 23.69 -23.79 0.61
C ALA A 471 24.82 -24.53 1.26
N SER A 472 24.62 -25.82 1.50
CA SER A 472 25.62 -26.64 2.17
C SER A 472 25.97 -27.83 1.31
N THR A 473 27.02 -28.54 1.72
CA THR A 473 27.46 -29.73 1.02
C THR A 473 26.29 -30.67 0.75
N GLY A 474 26.15 -31.07 -0.51
CA GLY A 474 25.12 -32.05 -0.88
C GLY A 474 23.81 -31.42 -1.32
N ASP A 475 23.75 -30.09 -1.29
CA ASP A 475 22.61 -29.37 -1.87
C ASP A 475 22.81 -29.23 -3.38
N VAL A 476 21.73 -29.38 -4.14
CA VAL A 476 21.74 -29.08 -5.56
C VAL A 476 21.81 -27.57 -5.84
N VAL A 477 22.69 -27.18 -6.75
CA VAL A 477 22.80 -25.81 -7.18
C VAL A 477 22.72 -25.76 -8.73
N VAL A 478 21.95 -24.82 -9.27
CA VAL A 478 21.81 -24.73 -10.73
C VAL A 478 22.86 -23.75 -11.29
N VAL A 479 23.65 -24.20 -12.28
CA VAL A 479 24.84 -23.47 -12.71
C VAL A 479 24.76 -23.17 -14.22
N VAL A 480 24.88 -21.89 -14.56
CA VAL A 480 24.60 -21.42 -15.89
C VAL A 480 25.85 -20.69 -16.39
N HIS A 481 26.38 -21.14 -17.52
CA HIS A 481 27.43 -20.42 -18.26
C HIS A 481 27.56 -21.07 -19.60
N ALA A 482 28.62 -20.76 -20.32
CA ALA A 482 28.82 -21.37 -21.65
C ALA A 482 29.55 -22.71 -21.58
N ASP A 483 29.39 -23.52 -22.62
CA ASP A 483 30.24 -24.69 -22.74
C ASP A 483 31.67 -24.30 -23.13
N HIS A 484 32.48 -25.29 -23.48
CA HIS A 484 33.88 -25.00 -23.73
C HIS A 484 34.14 -24.17 -24.98
N SER A 485 33.18 -24.10 -25.91
CA SER A 485 33.42 -23.37 -27.18
C SER A 485 32.60 -22.09 -27.46
N VAL A 486 31.32 -22.07 -27.09
CA VAL A 486 30.47 -20.91 -27.32
C VAL A 486 30.95 -19.65 -26.56
N LYS A 487 30.96 -18.50 -27.26
CA LYS A 487 31.39 -17.21 -26.67
C LYS A 487 30.27 -16.18 -26.75
N GLY A 488 30.18 -15.32 -25.74
CA GLY A 488 29.30 -14.15 -25.80
C GLY A 488 28.00 -14.24 -25.00
N TYR A 489 27.64 -15.45 -24.57
CA TYR A 489 26.38 -15.73 -23.86
C TYR A 489 26.39 -17.17 -23.32
N PRO A 490 25.54 -17.47 -22.34
CA PRO A 490 25.51 -18.81 -21.78
C PRO A 490 24.61 -19.75 -22.58
N ASN A 491 25.13 -20.90 -22.99
CA ASN A 491 24.30 -21.91 -23.70
C ASN A 491 24.09 -23.20 -22.89
N GLN A 492 24.49 -23.19 -21.62
CA GLN A 492 24.59 -24.41 -20.85
C GLN A 492 23.99 -24.24 -19.44
N THR A 493 23.26 -25.27 -19.00
CA THR A 493 22.83 -25.36 -17.60
C THR A 493 23.21 -26.70 -17.02
N ARG A 494 23.68 -26.68 -15.77
CA ARG A 494 24.06 -27.90 -15.07
C ARG A 494 23.42 -27.90 -13.69
N LEU A 495 23.04 -29.07 -13.22
CA LEU A 495 22.72 -29.27 -11.82
C LEU A 495 23.86 -29.98 -11.13
N ILE A 496 24.31 -29.40 -10.03
CA ILE A 496 25.55 -29.78 -9.40
C ILE A 496 25.33 -29.86 -7.89
N TYR A 497 25.72 -30.97 -7.29
CA TYR A 497 25.72 -31.08 -5.86
C TYR A 497 26.93 -30.36 -5.30
N LEU A 498 26.69 -29.43 -4.38
CA LEU A 498 27.77 -28.77 -3.66
C LEU A 498 28.70 -29.78 -2.99
N PRO A 499 29.99 -29.70 -3.32
CA PRO A 499 31.04 -30.62 -2.82
C PRO A 499 31.29 -30.45 -1.32
N SER B 2 -3.54 -13.62 -16.46
CA SER B 2 -2.66 -13.47 -15.28
C SER B 2 -2.73 -12.00 -14.75
N GLN B 3 -2.43 -11.81 -13.48
CA GLN B 3 -2.30 -10.48 -12.92
C GLN B 3 -1.32 -9.66 -13.77
N LEU B 4 -0.23 -10.29 -14.17
CA LEU B 4 0.84 -9.61 -14.86
C LEU B 4 0.35 -9.08 -16.22
N GLU B 5 -0.43 -9.88 -16.92
CA GLU B 5 -0.95 -9.50 -18.18
C GLU B 5 -2.07 -8.45 -18.03
N HIS B 6 -2.87 -8.57 -16.98
CA HIS B 6 -3.82 -7.52 -16.70
C HIS B 6 -3.12 -6.20 -16.45
N ASN B 7 -2.09 -6.22 -15.60
CA ASN B 7 -1.33 -4.98 -15.32
C ASN B 7 -0.77 -4.26 -16.55
N ILE B 8 -0.16 -4.99 -17.47
CA ILE B 8 0.51 -4.29 -18.57
C ILE B 8 -0.51 -3.62 -19.50
N GLY B 9 -1.77 -4.08 -19.42
CA GLY B 9 -2.86 -3.44 -20.17
C GLY B 9 -3.51 -2.23 -19.49
N LEU B 10 -3.15 -1.94 -18.23
CA LEU B 10 -3.76 -0.83 -17.51
C LEU B 10 -3.39 0.55 -18.14
N SER B 11 -4.36 1.47 -18.13
CA SER B 11 -4.18 2.79 -18.74
C SER B 11 -4.69 3.84 -17.78
N ILE B 12 -3.98 4.95 -17.66
CA ILE B 12 -4.42 6.05 -16.78
C ILE B 12 -5.27 7.01 -17.56
N PHE B 13 -5.46 6.74 -18.84
CA PHE B 13 -6.22 7.64 -19.73
C PHE B 13 -7.67 7.21 -19.99
N GLU B 14 -8.09 6.08 -19.43
CA GLU B 14 -9.45 5.58 -19.66
C GLU B 14 -10.39 6.16 -18.62
N PRO B 15 -11.69 6.28 -18.96
CA PRO B 15 -12.66 6.73 -17.95
C PRO B 15 -12.70 5.71 -16.78
N VAL B 16 -12.80 6.20 -15.56
CA VAL B 16 -13.03 5.30 -14.44
C VAL B 16 -14.50 4.97 -14.26
N ALA B 17 -14.77 3.96 -13.44
CA ALA B 17 -16.10 3.53 -13.15
C ALA B 17 -16.93 4.73 -12.66
N LYS B 18 -18.20 4.77 -13.06
CA LYS B 18 -19.06 5.86 -12.63
C LYS B 18 -19.63 5.64 -11.23
N HIS B 19 -19.73 4.38 -10.79
CA HIS B 19 -20.40 4.09 -9.54
C HIS B 19 -19.52 3.35 -8.58
N ARG B 20 -19.22 3.99 -7.47
CA ARG B 20 -18.23 3.48 -6.53
C ARG B 20 -18.80 2.27 -5.79
N ALA B 21 -18.04 1.18 -5.80
CA ALA B 21 -18.44 -0.08 -5.19
C ALA B 21 -18.09 -0.19 -3.69
N ASN B 22 -16.91 0.28 -3.30
CA ASN B 22 -16.47 0.14 -1.94
C ASN B 22 -17.07 1.18 -1.00
N ARG B 23 -16.98 0.92 0.29
CA ARG B 23 -17.73 1.69 1.25
C ARG B 23 -16.78 2.25 2.28
N ILE B 24 -17.11 3.43 2.79
CA ILE B 24 -16.22 4.18 3.64
C ILE B 24 -16.81 4.34 5.02
N VAL B 25 -16.08 3.92 6.04
CA VAL B 25 -16.49 4.16 7.45
C VAL B 25 -15.69 5.35 8.01
N CYS B 26 -16.38 6.33 8.61
CA CYS B 26 -15.71 7.47 9.26
C CYS B 26 -15.97 7.49 10.75
N THR B 27 -14.92 7.75 11.52
CA THR B 27 -15.08 8.00 12.93
C THR B 27 -15.50 9.45 13.17
N ILE B 28 -16.55 9.62 13.97
CA ILE B 28 -17.03 10.95 14.36
C ILE B 28 -16.29 11.47 15.58
N GLY B 29 -16.12 12.78 15.62
CA GLY B 29 -15.56 13.48 16.76
C GLY B 29 -15.77 14.96 16.62
N PRO B 30 -14.93 15.76 17.30
CA PRO B 30 -15.14 17.24 17.34
C PRO B 30 -15.10 17.89 15.95
N SER B 31 -14.15 17.44 15.12
CA SER B 31 -14.12 17.84 13.70
C SER B 31 -15.48 17.68 12.95
N THR B 32 -16.29 16.71 13.36
CA THR B 32 -17.34 16.21 12.48
C THR B 32 -18.68 15.90 13.13
N GLN B 33 -18.88 16.31 14.37
CA GLN B 33 -20.13 15.94 15.07
C GLN B 33 -21.39 16.73 14.71
N SER B 34 -21.25 18.00 14.33
CA SER B 34 -22.43 18.80 14.01
C SER B 34 -23.22 18.22 12.85
N VAL B 35 -24.52 18.49 12.82
CA VAL B 35 -25.36 18.10 11.71
C VAL B 35 -24.78 18.57 10.37
N GLU B 36 -24.25 19.79 10.33
CA GLU B 36 -23.69 20.32 9.10
C GLU B 36 -22.46 19.53 8.65
N ALA B 37 -21.54 19.30 9.58
CA ALA B 37 -20.32 18.57 9.26
C ALA B 37 -20.67 17.17 8.76
N LEU B 38 -21.66 16.55 9.41
CA LEU B 38 -22.09 15.20 9.04
C LEU B 38 -22.68 15.15 7.66
N LYS B 39 -23.45 16.17 7.30
CA LYS B 39 -24.06 16.22 5.98
C LYS B 39 -22.99 16.29 4.92
N ASN B 40 -22.00 17.14 5.14
CA ASN B 40 -20.93 17.26 4.18
C ASN B 40 -20.16 15.94 4.08
N LEU B 41 -19.94 15.32 5.23
CA LEU B 41 -19.25 14.03 5.29
C LEU B 41 -20.01 12.96 4.48
N MET B 42 -21.34 12.98 4.57
CA MET B 42 -22.17 12.11 3.77
C MET B 42 -22.11 12.47 2.27
N LYS B 43 -22.14 13.74 1.96
CA LYS B 43 -22.04 14.14 0.56
C LYS B 43 -20.70 13.72 0.02
N SER B 44 -19.70 13.70 0.90
CA SER B 44 -18.33 13.41 0.53
C SER B 44 -18.11 11.93 0.26
N GLY B 45 -18.93 11.08 0.89
CA GLY B 45 -18.82 9.65 0.67
C GLY B 45 -18.98 8.72 1.87
N MET B 46 -19.24 9.27 3.07
CA MET B 46 -19.43 8.42 4.23
C MET B 46 -20.67 7.54 4.12
N SER B 47 -20.50 6.23 4.33
CA SER B 47 -21.64 5.29 4.39
C SER B 47 -21.96 4.83 5.82
N VAL B 48 -20.95 4.81 6.69
CA VAL B 48 -21.13 4.37 8.07
C VAL B 48 -20.44 5.34 9.04
N ALA B 49 -21.14 5.71 10.11
CA ALA B 49 -20.55 6.53 11.17
C ALA B 49 -20.10 5.63 12.31
N ARG B 50 -18.85 5.75 12.68
CA ARG B 50 -18.30 4.97 13.79
C ARG B 50 -18.26 5.83 15.04
N MET B 51 -18.92 5.38 16.10
CA MET B 51 -18.74 6.00 17.41
C MET B 51 -17.68 5.25 18.18
N ASN B 52 -16.58 5.92 18.45
CA ASN B 52 -15.53 5.33 19.24
C ASN B 52 -15.82 5.46 20.72
N PHE B 53 -16.23 4.35 21.34
CA PHE B 53 -16.64 4.36 22.74
C PHE B 53 -15.47 4.22 23.71
N SER B 54 -14.25 4.28 23.19
CA SER B 54 -13.10 4.41 24.04
C SER B 54 -13.15 5.69 24.85
N HIS B 55 -13.61 6.78 24.21
CA HIS B 55 -13.73 8.08 24.87
C HIS B 55 -15.13 8.57 24.76
N GLY B 56 -15.44 9.58 25.59
CA GLY B 56 -16.76 10.24 25.55
C GLY B 56 -17.85 9.50 26.34
N SER B 57 -18.86 10.23 26.76
CA SER B 57 -19.92 9.67 27.57
C SER B 57 -21.11 9.27 26.71
N HIS B 58 -22.05 8.58 27.33
CA HIS B 58 -23.31 8.24 26.70
C HIS B 58 -24.02 9.44 26.14
N GLU B 59 -23.78 10.60 26.72
CA GLU B 59 -24.47 11.80 26.27
C GLU B 59 -23.83 12.32 24.99
N TYR B 60 -22.50 12.31 24.95
CA TYR B 60 -21.75 12.72 23.78
C TYR B 60 -22.15 11.88 22.56
N HIS B 61 -22.25 10.57 22.76
CA HIS B 61 -22.55 9.68 21.66
C HIS B 61 -23.98 9.75 21.22
N GLN B 62 -24.86 10.15 22.14
CA GLN B 62 -26.27 10.40 21.80
C GLN B 62 -26.41 11.57 20.84
N THR B 63 -25.68 12.65 21.12
CA THR B 63 -25.59 13.74 20.18
C THR B 63 -25.12 13.25 18.79
N THR B 64 -24.11 12.40 18.77
CA THR B 64 -23.65 11.79 17.51
C THR B 64 -24.78 11.05 16.79
N ILE B 65 -25.42 10.13 17.51
CA ILE B 65 -26.58 9.40 16.99
C ILE B 65 -27.69 10.31 16.45
N ASN B 66 -28.15 11.27 17.25
CA ASN B 66 -29.23 12.17 16.84
C ASN B 66 -28.84 12.96 15.61
N ASN B 67 -27.62 13.48 15.63
CA ASN B 67 -27.12 14.31 14.55
C ASN B 67 -26.95 13.54 13.23
N VAL B 68 -26.43 12.33 13.30
CA VAL B 68 -26.37 11.47 12.13
C VAL B 68 -27.76 11.27 11.55
N ARG B 69 -28.72 10.91 12.39
CA ARG B 69 -30.07 10.62 11.92
C ARG B 69 -30.76 11.84 11.30
N ALA B 70 -30.46 13.02 11.82
CA ALA B 70 -31.01 14.26 11.22
C ALA B 70 -30.33 14.64 9.91
N ALA B 71 -29.01 14.55 9.87
CA ALA B 71 -28.28 14.74 8.62
C ALA B 71 -28.77 13.79 7.51
N ALA B 72 -28.96 12.52 7.86
CA ALA B 72 -29.34 11.52 6.88
C ALA B 72 -30.76 11.78 6.37
N ALA B 73 -31.65 12.14 7.27
CA ALA B 73 -33.04 12.43 6.91
C ALA B 73 -33.13 13.65 6.00
N GLU B 74 -32.27 14.62 6.22
CA GLU B 74 -32.22 15.78 5.33
C GLU B 74 -31.80 15.43 3.92
N LEU B 75 -30.85 14.49 3.81
CA LEU B 75 -30.31 14.13 2.51
C LEU B 75 -31.02 12.91 1.89
N GLY B 76 -31.99 12.37 2.61
CA GLY B 76 -32.67 11.16 2.16
C GLY B 76 -31.75 9.95 2.01
N LEU B 77 -30.85 9.74 2.98
CA LEU B 77 -29.90 8.62 2.92
C LEU B 77 -30.08 7.67 4.10
N HIS B 78 -29.71 6.42 3.91
CA HIS B 78 -29.60 5.46 5.01
C HIS B 78 -28.17 5.30 5.42
N ILE B 79 -27.80 5.91 6.54
CA ILE B 79 -26.44 5.83 7.03
C ILE B 79 -26.37 4.88 8.22
N GLY B 80 -25.50 3.88 8.13
CA GLY B 80 -25.33 2.95 9.23
C GLY B 80 -24.63 3.61 10.39
N ILE B 81 -24.95 3.18 11.60
CA ILE B 81 -24.30 3.69 12.80
C ILE B 81 -23.66 2.54 13.56
N ALA B 82 -22.35 2.68 13.83
CA ALA B 82 -21.58 1.61 14.44
C ALA B 82 -21.05 2.04 15.78
N LEU B 83 -21.15 1.13 16.73
CA LEU B 83 -20.66 1.38 18.07
C LEU B 83 -19.39 0.59 18.22
N ASP B 84 -18.28 1.29 18.33
CA ASP B 84 -16.98 0.63 18.47
C ASP B 84 -16.66 0.57 19.96
N THR B 85 -16.66 -0.63 20.54
CA THR B 85 -16.51 -0.76 22.00
C THR B 85 -15.10 -0.47 22.46
N LYS B 86 -14.97 0.01 23.70
CA LYS B 86 -13.65 0.27 24.31
C LYS B 86 -12.89 -1.02 24.50
N GLY B 87 -13.58 -2.02 25.01
CA GLY B 87 -13.06 -3.37 25.02
C GLY B 87 -12.30 -3.66 26.27
N PRO B 88 -12.19 -4.94 26.62
CA PRO B 88 -11.39 -5.30 27.76
C PRO B 88 -9.97 -4.91 27.47
N GLU B 89 -9.26 -4.43 28.47
CA GLU B 89 -7.93 -3.92 28.29
CA GLU B 89 -7.90 -3.96 28.29
C GLU B 89 -7.08 -4.11 29.56
N ILE B 90 -5.76 -4.14 29.40
CA ILE B 90 -4.86 -4.31 30.52
C ILE B 90 -4.12 -3.00 30.77
N ARG B 91 -4.21 -2.50 32.01
CA ARG B 91 -3.64 -1.21 32.36
C ARG B 91 -2.83 -1.27 33.65
N THR B 92 -1.84 -0.40 33.76
CA THR B 92 -1.07 -0.24 34.98
C THR B 92 -1.91 0.44 36.08
N GLY B 93 -1.45 0.36 37.32
CA GLY B 93 -2.15 0.96 38.45
C GLY B 93 -1.75 2.42 38.65
N LEU B 94 -2.24 3.01 39.74
CA LEU B 94 -1.91 4.41 40.07
C LEU B 94 -0.42 4.58 40.41
N PHE B 95 0.06 5.81 40.35
CA PHE B 95 1.48 6.12 40.59
C PHE B 95 1.64 7.16 41.70
N GLY B 98 2.90 10.71 40.92
CA GLY B 98 1.94 10.56 39.85
C GLY B 98 2.56 10.35 38.48
N GLU B 99 3.89 10.34 38.42
CA GLU B 99 4.61 10.12 37.17
C GLU B 99 6.04 9.64 37.40
N VAL B 100 6.75 9.35 36.30
CA VAL B 100 8.14 8.87 36.37
C VAL B 100 8.91 9.15 35.06
N SER B 101 10.01 8.44 34.87
CA SER B 101 10.81 8.54 33.64
C SER B 101 11.87 7.43 33.59
N PHE B 102 11.98 6.75 32.44
CA PHE B 102 12.60 5.41 32.38
C PHE B 102 13.70 5.28 31.32
N ALA B 103 14.58 6.28 31.23
CA ALA B 103 15.60 6.33 30.17
C ALA B 103 16.36 5.00 30.00
N PRO B 104 16.88 4.75 28.79
CA PRO B 104 17.23 3.39 28.33
C PRO B 104 18.11 2.62 29.32
N GLY B 105 17.75 1.36 29.58
CA GLY B 105 18.66 0.43 30.27
C GLY B 105 18.23 0.04 31.67
N ASP B 106 17.13 0.61 32.14
CA ASP B 106 16.71 0.51 33.55
C ASP B 106 16.14 -0.87 33.89
N ILE B 107 16.08 -1.18 35.20
CA ILE B 107 15.58 -2.48 35.67
C ILE B 107 14.41 -2.30 36.64
N VAL B 108 13.27 -2.89 36.27
CA VAL B 108 11.98 -2.56 36.92
C VAL B 108 11.16 -3.80 37.29
N CYS B 109 10.30 -3.66 38.30
CA CYS B 109 9.49 -4.79 38.81
C CYS B 109 7.97 -4.52 38.74
N VAL B 110 7.24 -5.42 38.09
CA VAL B 110 5.79 -5.27 37.88
C VAL B 110 5.00 -6.31 38.68
N THR B 111 4.05 -5.84 39.49
CA THR B 111 3.29 -6.73 40.40
C THR B 111 1.80 -6.80 40.05
N THR B 112 1.18 -7.95 40.33
CA THR B 112 -0.26 -8.12 40.15
C THR B 112 -1.05 -8.17 41.47
N ASP B 113 -0.34 -8.17 42.61
CA ASP B 113 -0.99 -8.02 43.93
C ASP B 113 -1.74 -6.69 43.99
N PRO B 114 -3.07 -6.75 44.25
CA PRO B 114 -3.89 -5.53 44.13
C PRO B 114 -3.68 -4.52 45.27
N ALA B 115 -2.81 -4.83 46.23
CA ALA B 115 -2.39 -3.87 47.25
C ALA B 115 -1.34 -2.88 46.73
N TYR B 116 -0.87 -3.10 45.51
CA TYR B 116 0.08 -2.19 44.85
C TYR B 116 -0.61 -1.36 43.77
N GLU B 117 -1.95 -1.35 43.78
CA GLU B 117 -2.74 -0.66 42.75
C GLU B 117 -2.68 0.86 42.90
N LYS B 118 -3.05 1.35 44.08
CA LYS B 118 -3.10 2.79 44.34
C LYS B 118 -1.69 3.36 44.59
N VAL B 119 -0.78 2.51 45.04
CA VAL B 119 0.64 2.87 45.19
C VAL B 119 1.46 2.43 43.97
N GLY B 120 2.76 2.73 43.98
CA GLY B 120 3.65 2.31 42.90
C GLY B 120 4.61 3.39 42.46
N THR B 121 5.81 2.99 42.05
CA THR B 121 6.86 3.94 41.68
C THR B 121 7.80 3.37 40.61
N LYS B 122 9.00 3.93 40.52
CA LYS B 122 9.97 3.54 39.50
C LYS B 122 10.38 2.07 39.59
N GLU B 123 9.96 1.41 40.67
CA GLU B 123 10.59 0.14 41.09
C GLU B 123 9.59 -1.01 41.26
N LYS B 124 8.36 -0.70 41.64
CA LYS B 124 7.34 -1.73 41.92
C LYS B 124 5.92 -1.23 41.64
N PHE B 125 5.51 -1.26 40.37
CA PHE B 125 4.18 -0.77 39.98
C PHE B 125 3.22 -1.87 39.52
N TYR B 126 1.93 -1.56 39.52
CA TYR B 126 0.85 -2.55 39.37
C TYR B 126 0.56 -2.86 37.88
N ILE B 127 0.15 -4.11 37.62
CA ILE B 127 -0.53 -4.45 36.37
C ILE B 127 -1.81 -5.25 36.63
N ASP B 128 -2.95 -4.71 36.19
CA ASP B 128 -4.28 -5.15 36.62
C ASP B 128 -4.71 -6.49 36.02
N TYR B 129 -3.88 -7.03 35.13
CA TYR B 129 -4.05 -8.39 34.62
C TYR B 129 -3.45 -9.41 35.58
N PRO B 130 -4.31 -10.23 36.22
CA PRO B 130 -3.87 -11.05 37.35
C PRO B 130 -3.23 -12.37 36.91
N GLN B 131 -3.21 -12.63 35.60
CA GLN B 131 -2.60 -13.85 35.07
C GLN B 131 -1.22 -13.57 34.45
N LEU B 132 -0.59 -12.48 34.88
CA LEU B 132 0.57 -11.92 34.17
C LEU B 132 1.74 -12.89 34.13
N THR B 133 2.09 -13.46 35.29
CA THR B 133 3.28 -14.29 35.42
C THR B 133 3.08 -15.68 34.79
N ASN B 134 1.88 -15.90 34.25
CA ASN B 134 1.61 -17.06 33.38
C ASN B 134 1.96 -16.76 31.92
N ALA B 135 1.46 -15.63 31.42
CA ALA B 135 1.48 -15.31 30.00
C ALA B 135 2.89 -14.99 29.49
N VAL B 136 3.55 -14.05 30.16
CA VAL B 136 4.93 -13.69 29.83
C VAL B 136 5.91 -14.54 30.63
N ARG B 137 6.45 -15.58 30.00
CA ARG B 137 7.56 -16.34 30.55
C ARG B 137 8.88 -15.57 30.35
N PRO B 138 9.89 -15.85 31.20
CA PRO B 138 11.19 -15.18 31.11
C PRO B 138 11.73 -15.14 29.68
N GLY B 139 12.13 -13.96 29.22
CA GLY B 139 12.73 -13.82 27.89
C GLY B 139 11.85 -13.10 26.88
N GLY B 140 10.54 -13.24 27.04
CA GLY B 140 9.56 -12.49 26.23
C GLY B 140 9.34 -11.07 26.73
N SER B 141 8.39 -10.37 26.12
CA SER B 141 8.33 -8.91 26.21
C SER B 141 6.99 -8.38 26.76
N ILE B 142 7.05 -7.23 27.42
CA ILE B 142 5.86 -6.49 27.85
C ILE B 142 5.84 -5.09 27.22
N TYR B 143 4.82 -4.82 26.41
CA TYR B 143 4.71 -3.53 25.72
C TYR B 143 3.91 -2.53 26.54
N VAL B 144 4.41 -1.31 26.62
CA VAL B 144 3.76 -0.28 27.42
C VAL B 144 3.39 0.95 26.57
N ASP B 145 2.12 1.32 26.60
CA ASP B 145 1.64 2.55 25.96
C ASP B 145 1.69 2.45 24.44
N ASP B 146 0.91 1.52 23.90
CA ASP B 146 1.02 1.14 22.48
C ASP B 146 2.46 0.84 22.11
N GLY B 147 3.16 0.15 23.02
CA GLY B 147 4.49 -0.39 22.74
C GLY B 147 5.50 0.62 22.20
N VAL B 148 5.42 1.86 22.67
CA VAL B 148 6.52 2.81 22.50
C VAL B 148 7.67 2.46 23.46
N MET B 149 7.36 1.62 24.44
CA MET B 149 8.36 1.17 25.43
C MET B 149 8.28 -0.35 25.66
N THR B 150 9.39 -1.04 25.42
CA THR B 150 9.44 -2.50 25.53
C THR B 150 10.22 -2.95 26.77
N LEU B 151 9.68 -3.97 27.45
CA LEU B 151 10.34 -4.55 28.63
C LEU B 151 10.50 -6.06 28.46
N ARG B 152 11.68 -6.57 28.82
CA ARG B 152 11.98 -7.98 28.66
C ARG B 152 12.16 -8.63 30.02
N VAL B 153 11.34 -9.64 30.31
CA VAL B 153 11.32 -10.27 31.63
C VAL B 153 12.50 -11.24 31.80
N VAL B 154 13.21 -11.12 32.92
CA VAL B 154 14.27 -12.06 33.26
C VAL B 154 13.75 -13.28 34.03
N SER B 155 12.96 -13.03 35.07
CA SER B 155 12.37 -14.13 35.88
C SER B 155 11.25 -13.64 36.80
N LYS B 156 10.76 -14.56 37.63
CA LYS B 156 9.59 -14.31 38.49
C LYS B 156 10.03 -14.12 39.94
N GLU B 157 9.86 -12.91 40.47
CA GLU B 157 10.41 -12.54 41.78
C GLU B 157 9.68 -13.23 42.94
N ASP B 158 8.52 -12.68 43.32
CA ASP B 158 7.52 -13.48 44.04
C ASP B 158 6.37 -13.88 43.12
N ASP B 159 5.40 -14.62 43.67
CA ASP B 159 4.35 -15.25 42.87
C ASP B 159 3.78 -14.30 41.80
N ARG B 160 3.86 -13.01 42.06
CA ARG B 160 3.06 -12.01 41.36
C ARG B 160 3.92 -10.93 40.70
N THR B 161 5.20 -10.91 41.03
CA THR B 161 6.15 -9.94 40.45
C THR B 161 7.04 -10.58 39.38
N LEU B 162 7.27 -9.86 38.29
CA LEU B 162 8.32 -10.21 37.31
C LEU B 162 9.43 -9.14 37.27
N LYS B 163 10.66 -9.55 37.00
CA LYS B 163 11.78 -8.61 36.84
C LYS B 163 12.05 -8.32 35.36
N CYS B 164 12.19 -7.03 35.03
CA CYS B 164 12.19 -6.60 33.62
C CYS B 164 13.33 -5.64 33.30
N HIS B 165 14.04 -5.92 32.21
CA HIS B 165 15.02 -4.99 31.65
C HIS B 165 14.36 -4.04 30.68
N VAL B 166 14.36 -2.75 31.02
CA VAL B 166 13.83 -1.71 30.13
C VAL B 166 14.74 -1.51 28.92
N ASN B 167 14.15 -1.15 27.79
CA ASN B 167 14.87 -1.18 26.51
C ASN B 167 15.11 0.20 25.90
N ASN B 168 14.29 1.17 26.29
CA ASN B 168 14.42 2.52 25.75
C ASN B 168 13.82 3.63 26.63
N HIS B 169 14.16 4.87 26.28
CA HIS B 169 13.54 6.07 26.84
C HIS B 169 12.04 5.95 26.97
N HIS B 170 11.49 6.62 27.98
CA HIS B 170 10.06 6.95 27.99
C HIS B 170 9.61 7.50 29.32
N ARG B 171 8.59 8.37 29.29
CA ARG B 171 7.91 8.83 30.49
C ARG B 171 6.65 7.99 30.76
N LEU B 172 6.02 8.21 31.92
CA LEU B 172 4.82 7.44 32.30
C LEU B 172 3.77 8.28 33.01
N THR B 173 2.56 7.75 33.08
CA THR B 173 1.56 8.26 34.00
C THR B 173 0.55 7.16 34.33
N ASP B 174 -0.35 7.44 35.25
CA ASP B 174 -1.26 6.43 35.77
C ASP B 174 -2.09 5.77 34.65
N ARG B 175 -2.38 4.49 34.82
CA ARG B 175 -3.42 3.81 34.04
C ARG B 175 -3.11 3.73 32.53
N ARG B 176 -1.83 3.50 32.20
CA ARG B 176 -1.39 3.43 30.81
C ARG B 176 -1.64 2.05 30.18
N GLY B 177 -1.68 2.00 28.84
CA GLY B 177 -2.04 0.79 28.12
C GLY B 177 -0.92 -0.24 28.04
N ILE B 178 -1.26 -1.49 28.33
CA ILE B 178 -0.29 -2.60 28.29
C ILE B 178 -0.65 -3.64 27.21
N ASN B 179 0.36 -4.13 26.51
CA ASN B 179 0.18 -5.25 25.57
C ASN B 179 1.13 -6.41 25.89
N LEU B 180 0.66 -7.63 25.62
CA LEU B 180 1.48 -8.82 25.85
C LEU B 180 1.70 -9.54 24.53
N PRO B 181 2.71 -9.11 23.76
CA PRO B 181 2.87 -9.49 22.34
C PRO B 181 3.17 -10.97 22.14
N GLY B 182 2.28 -11.68 21.45
CA GLY B 182 2.45 -13.10 21.19
C GLY B 182 1.89 -13.99 22.30
N CYS B 183 1.35 -13.36 23.33
CA CYS B 183 0.81 -14.11 24.49
C CYS B 183 -0.71 -14.24 24.40
N GLU B 184 -1.20 -15.45 24.61
CA GLU B 184 -2.60 -15.65 24.92
C GLU B 184 -3.01 -14.83 26.15
N VAL B 185 -4.05 -14.02 25.97
CA VAL B 185 -4.54 -13.13 27.01
C VAL B 185 -5.94 -13.58 27.41
N ASP B 186 -6.15 -13.86 28.69
CA ASP B 186 -7.40 -14.46 29.18
C ASP B 186 -8.29 -13.43 29.89
N LEU B 187 -8.76 -12.45 29.11
CA LEU B 187 -9.66 -11.42 29.62
C LEU B 187 -11.11 -11.75 29.25
N PRO B 188 -12.06 -10.98 29.81
CA PRO B 188 -13.43 -11.15 29.39
C PRO B 188 -13.67 -10.51 28.02
N ALA B 189 -14.51 -11.15 27.20
CA ALA B 189 -14.89 -10.58 25.91
C ALA B 189 -15.50 -9.20 26.12
N VAL B 190 -16.26 -9.09 27.21
CA VAL B 190 -17.07 -7.91 27.50
C VAL B 190 -16.73 -7.39 28.89
N SER B 191 -16.16 -6.20 28.95
CA SER B 191 -15.97 -5.50 30.23
C SER B 191 -17.31 -5.00 30.76
N GLU B 192 -17.30 -4.59 32.01
CA GLU B 192 -18.51 -4.06 32.63
C GLU B 192 -18.94 -2.74 32.00
N LYS B 193 -17.98 -1.89 31.64
CA LYS B 193 -18.27 -0.69 30.86
C LYS B 193 -18.89 -1.08 29.52
N ASP B 194 -18.41 -2.20 28.96
CA ASP B 194 -18.90 -2.66 27.68
C ASP B 194 -20.36 -3.06 27.75
N ARG B 195 -20.75 -3.69 28.87
CA ARG B 195 -22.15 -4.13 29.04
C ARG B 195 -23.09 -2.95 29.00
N LYS B 196 -22.71 -1.87 29.68
CA LYS B 196 -23.54 -0.67 29.75
C LYS B 196 -23.59 -0.01 28.37
N ASP B 197 -22.44 -0.01 27.69
CA ASP B 197 -22.35 0.58 26.35
C ASP B 197 -23.14 -0.18 25.29
N LEU B 198 -23.06 -1.51 25.34
CA LEU B 198 -23.87 -2.33 24.44
C LEU B 198 -25.38 -2.16 24.67
N GLU B 199 -25.79 -2.06 25.93
CA GLU B 199 -27.22 -1.97 26.22
C GLU B 199 -27.75 -0.59 25.87
N PHE B 200 -26.88 0.40 25.96
CA PHE B 200 -27.13 1.70 25.36
C PHE B 200 -27.38 1.54 23.86
N GLY B 201 -26.49 0.79 23.20
CA GLY B 201 -26.50 0.65 21.77
C GLY B 201 -27.75 -0.02 21.30
N VAL B 202 -28.16 -1.06 22.02
CA VAL B 202 -29.43 -1.70 21.76
C VAL B 202 -30.59 -0.71 21.91
N ALA B 203 -30.63 -0.03 23.05
CA ALA B 203 -31.75 0.88 23.35
C ALA B 203 -31.87 1.96 22.27
N GLN B 204 -30.73 2.49 21.84
CA GLN B 204 -30.70 3.54 20.82
C GLN B 204 -30.78 3.01 19.36
N GLY B 205 -30.77 1.69 19.20
CA GLY B 205 -30.91 1.08 17.86
C GLY B 205 -29.73 1.28 16.89
N VAL B 206 -28.51 1.14 17.39
CA VAL B 206 -27.31 1.08 16.52
C VAL B 206 -27.37 -0.13 15.57
N ASP B 207 -26.75 0.03 14.41
CA ASP B 207 -26.89 -0.95 13.34
C ASP B 207 -25.89 -2.11 13.47
N MET B 208 -24.77 -1.83 14.14
CA MET B 208 -23.70 -2.81 14.24
C MET B 208 -22.76 -2.46 15.37
N ILE B 209 -22.04 -3.46 15.84
CA ILE B 209 -21.09 -3.32 16.92
C ILE B 209 -19.74 -3.67 16.35
N PHE B 210 -18.77 -2.76 16.44
CA PHE B 210 -17.39 -3.12 16.17
C PHE B 210 -16.78 -3.59 17.48
N ALA B 211 -16.63 -4.90 17.61
CA ALA B 211 -16.29 -5.50 18.90
C ALA B 211 -14.79 -5.61 19.08
N SER B 212 -14.26 -4.84 20.01
CA SER B 212 -12.83 -4.79 20.22
C SER B 212 -12.23 -6.09 20.77
N PHE B 213 -11.00 -6.37 20.34
CA PHE B 213 -10.13 -7.37 20.95
C PHE B 213 -10.73 -8.78 20.97
N ILE B 214 -11.39 -9.15 19.88
CA ILE B 214 -11.97 -10.48 19.78
C ILE B 214 -10.90 -11.54 19.50
N ARG B 215 -10.86 -12.55 20.36
CA ARG B 215 -9.77 -13.52 20.34
C ARG B 215 -10.24 -14.91 20.02
N THR B 216 -11.51 -15.19 20.31
CA THR B 216 -12.06 -16.54 20.15
C THR B 216 -13.50 -16.45 19.66
N ALA B 217 -13.99 -17.52 19.03
CA ALA B 217 -15.41 -17.63 18.74
C ALA B 217 -16.27 -17.43 19.99
N GLU B 218 -15.82 -18.00 21.10
CA GLU B 218 -16.59 -17.97 22.33
C GLU B 218 -16.85 -16.52 22.77
N GLN B 219 -15.84 -15.67 22.68
CA GLN B 219 -16.01 -14.26 22.97
C GLN B 219 -16.99 -13.54 22.04
N VAL B 220 -17.06 -13.96 20.78
CA VAL B 220 -18.07 -13.42 19.89
C VAL B 220 -19.48 -13.74 20.41
N ARG B 221 -19.69 -15.00 20.82
CA ARG B 221 -20.98 -15.41 21.41
C ARG B 221 -21.33 -14.68 22.71
N GLU B 222 -20.33 -14.40 23.55
CA GLU B 222 -20.54 -13.56 24.71
C GLU B 222 -21.09 -12.20 24.31
N VAL B 223 -20.56 -11.65 23.22
CA VAL B 223 -21.02 -10.33 22.77
C VAL B 223 -22.45 -10.41 22.28
N ARG B 224 -22.79 -11.48 21.57
CA ARG B 224 -24.16 -11.66 21.10
C ARG B 224 -25.19 -11.82 22.25
N ALA B 225 -24.83 -12.64 23.25
CA ALA B 225 -25.72 -12.88 24.38
C ALA B 225 -25.98 -11.59 25.16
N ALA B 226 -24.95 -10.75 25.29
CA ALA B 226 -25.06 -9.43 25.92
C ALA B 226 -26.02 -8.50 25.16
N LEU B 227 -25.98 -8.56 23.83
CA LEU B 227 -26.98 -7.85 23.03
C LEU B 227 -28.39 -8.40 23.29
N GLY B 228 -28.46 -9.67 23.67
CA GLY B 228 -29.72 -10.27 24.13
C GLY B 228 -30.77 -10.32 23.05
N GLU B 229 -32.03 -10.38 23.45
CA GLU B 229 -33.11 -10.60 22.50
C GLU B 229 -33.39 -9.34 21.67
N LYS B 230 -33.36 -8.20 22.33
CA LYS B 230 -33.72 -6.96 21.67
C LYS B 230 -32.66 -6.56 20.66
N GLY B 231 -31.48 -7.17 20.74
CA GLY B 231 -30.38 -6.80 19.88
C GLY B 231 -29.95 -7.89 18.91
N LYS B 232 -30.83 -8.85 18.64
CA LYS B 232 -30.45 -10.08 17.97
C LYS B 232 -30.02 -9.81 16.50
N ASP B 233 -30.52 -8.71 15.94
CA ASP B 233 -30.33 -8.42 14.52
C ASP B 233 -29.24 -7.36 14.29
N ILE B 234 -28.58 -6.95 15.36
CA ILE B 234 -27.43 -6.08 15.25
C ILE B 234 -26.21 -6.88 14.77
N LEU B 235 -25.58 -6.42 13.68
CA LEU B 235 -24.36 -7.05 13.16
C LEU B 235 -23.27 -6.98 14.21
N ILE B 236 -22.54 -8.07 14.35
CA ILE B 236 -21.28 -8.03 15.11
C ILE B 236 -20.09 -8.12 14.16
N ILE B 237 -19.29 -7.07 14.16
CA ILE B 237 -18.06 -7.00 13.38
C ILE B 237 -16.91 -7.15 14.35
N SER B 238 -16.26 -8.30 14.32
CA SER B 238 -15.19 -8.61 15.26
C SER B 238 -13.90 -7.94 14.83
N LYS B 239 -13.26 -7.22 15.75
CA LYS B 239 -11.98 -6.59 15.48
C LYS B 239 -10.87 -7.54 15.86
N ILE B 240 -10.04 -7.90 14.86
CA ILE B 240 -8.87 -8.73 15.06
C ILE B 240 -7.69 -7.84 15.43
N GLU B 241 -7.12 -8.07 16.60
CA GLU B 241 -6.19 -7.13 17.22
C GLU B 241 -4.95 -7.79 17.79
N ASN B 242 -4.90 -9.12 17.81
CA ASN B 242 -3.70 -9.81 18.31
C ASN B 242 -3.53 -11.18 17.67
N HIS B 243 -2.46 -11.87 18.03
CA HIS B 243 -2.09 -13.11 17.35
C HIS B 243 -3.15 -14.19 17.50
N GLN B 244 -3.90 -14.13 18.60
CA GLN B 244 -4.99 -15.08 18.84
C GLN B 244 -6.10 -14.91 17.82
N GLY B 245 -6.57 -13.67 17.69
CA GLY B 245 -7.50 -13.32 16.64
C GLY B 245 -7.10 -13.89 15.30
N VAL B 246 -5.84 -13.69 14.93
CA VAL B 246 -5.37 -14.23 13.68
C VAL B 246 -5.38 -15.74 13.65
N GLN B 247 -4.90 -16.36 14.73
CA GLN B 247 -4.89 -17.82 14.84
C GLN B 247 -6.32 -18.39 14.75
N ASN B 248 -7.27 -17.71 15.38
CA ASN B 248 -8.60 -18.25 15.53
C ASN B 248 -9.56 -17.72 14.47
N ILE B 249 -8.99 -17.11 13.44
CA ILE B 249 -9.75 -16.35 12.48
C ILE B 249 -10.92 -17.16 11.86
N ASP B 250 -10.67 -18.41 11.51
CA ASP B 250 -11.71 -19.25 10.89
C ASP B 250 -12.98 -19.28 11.73
N SER B 251 -12.82 -19.56 13.03
CA SER B 251 -13.97 -19.77 13.88
C SER B 251 -14.57 -18.44 14.35
N ILE B 252 -13.74 -17.40 14.42
CA ILE B 252 -14.26 -16.05 14.66
C ILE B 252 -15.13 -15.58 13.48
N ILE B 253 -14.66 -15.84 12.27
CA ILE B 253 -15.45 -15.52 11.11
C ILE B 253 -16.83 -16.21 11.17
N GLU B 254 -16.83 -17.52 11.45
CA GLU B 254 -18.08 -18.26 11.48
CA GLU B 254 -18.07 -18.32 11.54
C GLU B 254 -19.06 -17.69 12.53
N ALA B 255 -18.52 -17.22 13.65
CA ALA B 255 -19.34 -16.63 14.70
C ALA B 255 -19.84 -15.17 14.40
N SER B 256 -19.08 -14.41 13.62
CA SER B 256 -19.37 -12.96 13.48
C SER B 256 -20.22 -12.70 12.23
N ASN B 257 -20.73 -11.48 12.12
CA ASN B 257 -21.36 -11.06 10.89
C ASN B 257 -20.35 -10.50 9.93
N GLY B 258 -19.15 -10.24 10.44
CA GLY B 258 -18.13 -9.56 9.66
C GLY B 258 -16.88 -9.32 10.47
N ILE B 259 -15.85 -8.76 9.83
CA ILE B 259 -14.54 -8.63 10.46
C ILE B 259 -13.93 -7.23 10.22
N MET B 260 -13.29 -6.68 11.26
CA MET B 260 -12.36 -5.56 11.07
C MET B 260 -10.92 -5.96 11.27
N VAL B 261 -10.07 -5.68 10.28
CA VAL B 261 -8.65 -5.81 10.45
C VAL B 261 -8.14 -4.57 11.14
N ALA B 262 -7.99 -4.67 12.47
CA ALA B 262 -7.75 -3.51 13.29
C ALA B 262 -6.25 -3.30 13.41
N ARG B 263 -5.68 -2.74 12.34
CA ARG B 263 -4.23 -2.79 12.10
C ARG B 263 -3.44 -2.01 13.15
N GLY B 264 -3.99 -0.91 13.64
CA GLY B 264 -3.35 -0.11 14.67
C GLY B 264 -2.98 -0.97 15.87
N ASP B 265 -3.98 -1.66 16.41
CA ASP B 265 -3.78 -2.51 17.57
C ASP B 265 -3.00 -3.77 17.21
N LEU B 266 -3.34 -4.37 16.07
CA LEU B 266 -2.62 -5.55 15.62
C LEU B 266 -1.09 -5.30 15.44
N GLY B 267 -0.72 -4.12 14.95
CA GLY B 267 0.70 -3.81 14.71
C GLY B 267 1.50 -3.53 15.97
N VAL B 268 0.82 -3.49 17.11
CA VAL B 268 1.49 -3.44 18.39
C VAL B 268 1.74 -4.87 18.87
N GLU B 269 0.74 -5.73 18.65
CA GLU B 269 0.75 -7.08 19.21
C GLU B 269 1.65 -8.03 18.44
N ILE B 270 1.75 -7.84 17.13
CA ILE B 270 2.58 -8.68 16.27
C ILE B 270 3.54 -7.79 15.48
N PRO B 271 4.65 -8.37 15.01
CA PRO B 271 5.63 -7.49 14.32
C PRO B 271 5.00 -6.72 13.13
N ALA B 272 5.35 -5.44 12.99
CA ALA B 272 4.65 -4.53 12.06
C ALA B 272 4.53 -5.10 10.64
N GLU B 273 5.61 -5.76 10.20
CA GLU B 273 5.67 -6.29 8.85
C GLU B 273 4.75 -7.49 8.64
N LYS B 274 4.31 -8.14 9.72
CA LYS B 274 3.42 -9.28 9.59
C LYS B 274 1.95 -8.90 9.44
N VAL B 275 1.63 -7.65 9.74
CA VAL B 275 0.28 -7.15 9.54
C VAL B 275 -0.20 -7.30 8.08
N CYS B 276 0.71 -7.07 7.13
N CYS B 276 0.68 -7.04 7.14
CA CYS B 276 0.37 -7.20 5.72
CA CYS B 276 0.32 -7.21 5.76
C CYS B 276 0.04 -8.63 5.30
C CYS B 276 -0.12 -8.64 5.45
N VAL B 277 0.63 -9.61 5.97
CA VAL B 277 0.29 -11.01 5.71
C VAL B 277 -1.08 -11.32 6.31
N ALA B 278 -1.30 -10.84 7.53
CA ALA B 278 -2.58 -11.03 8.19
C ALA B 278 -3.74 -10.39 7.40
N GLN B 279 -3.58 -9.11 7.03
CA GLN B 279 -4.54 -8.41 6.19
C GLN B 279 -4.98 -9.24 4.98
N MET B 280 -4.02 -9.61 4.16
CA MET B 280 -4.29 -10.39 2.92
C MET B 280 -5.05 -11.66 3.21
N CYS B 281 -4.60 -12.37 4.25
CA CYS B 281 -5.21 -13.61 4.66
C CYS B 281 -6.67 -13.41 5.13
N ILE B 282 -6.86 -12.49 6.07
CA ILE B 282 -8.16 -12.28 6.65
C ILE B 282 -9.19 -11.77 5.62
N ILE B 283 -8.80 -10.78 4.83
CA ILE B 283 -9.71 -10.27 3.84
C ILE B 283 -10.15 -11.37 2.88
N SER B 284 -9.20 -12.20 2.43
CA SER B 284 -9.57 -13.28 1.53
C SER B 284 -10.45 -14.34 2.20
N LYS B 285 -10.22 -14.64 3.47
CA LYS B 285 -11.06 -15.61 4.15
C LYS B 285 -12.49 -15.09 4.23
N CYS B 286 -12.67 -13.79 4.50
CA CYS B 286 -13.99 -13.20 4.51
C CYS B 286 -14.63 -13.21 3.11
N ASN B 287 -13.84 -12.90 2.08
CA ASN B 287 -14.38 -12.89 0.71
C ASN B 287 -14.95 -14.27 0.40
N VAL B 288 -14.24 -15.30 0.85
CA VAL B 288 -14.56 -16.66 0.52
C VAL B 288 -15.87 -17.12 1.17
N VAL B 289 -16.17 -16.63 2.37
CA VAL B 289 -17.45 -16.94 2.98
C VAL B 289 -18.56 -15.90 2.72
N GLY B 290 -18.22 -14.82 2.02
CA GLY B 290 -19.19 -13.74 1.79
C GLY B 290 -19.62 -13.01 3.05
N LYS B 291 -18.65 -12.56 3.85
CA LYS B 291 -18.93 -11.71 4.99
C LYS B 291 -18.13 -10.42 4.90
N PRO B 292 -18.77 -9.28 5.24
CA PRO B 292 -18.09 -8.00 4.99
C PRO B 292 -16.78 -7.90 5.79
N VAL B 293 -15.78 -7.26 5.21
CA VAL B 293 -14.58 -7.01 5.93
C VAL B 293 -14.11 -5.53 5.80
N ILE B 294 -13.56 -5.02 6.87
CA ILE B 294 -13.18 -3.62 6.95
C ILE B 294 -11.70 -3.53 7.20
N CYS B 295 -10.99 -2.77 6.36
CA CYS B 295 -9.63 -2.41 6.64
C CYS B 295 -9.54 -1.04 7.36
N ALA B 296 -8.81 -0.99 8.47
CA ALA B 296 -8.77 0.20 9.34
C ALA B 296 -7.34 0.64 9.68
N THR B 297 -7.19 1.94 9.99
CA THR B 297 -6.06 2.51 10.75
C THR B 297 -4.98 3.13 9.89
N GLN B 298 -4.88 4.47 9.96
CA GLN B 298 -3.79 5.22 9.35
C GLN B 298 -3.77 5.17 7.82
N MET B 299 -4.90 4.83 7.23
CA MET B 299 -4.94 4.71 5.77
C MET B 299 -4.63 6.02 5.05
N LEU B 300 -5.09 7.14 5.60
CA LEU B 300 -4.75 8.49 5.05
C LEU B 300 -4.21 9.42 6.14
N GLU B 301 -3.40 8.85 7.02
CA GLU B 301 -3.09 9.45 8.30
C GLU B 301 -2.62 10.89 8.16
N SER B 302 -1.71 11.15 7.24
CA SER B 302 -1.09 12.45 7.15
C SER B 302 -2.13 13.54 6.81
N MET B 303 -3.33 13.13 6.40
CA MET B 303 -4.37 14.12 6.09
C MET B 303 -5.13 14.56 7.32
N THR B 304 -4.72 14.05 8.47
CA THR B 304 -5.07 14.67 9.73
C THR B 304 -4.59 16.14 9.78
N SER B 305 -3.51 16.42 9.04
CA SER B 305 -2.80 17.72 9.13
C SER B 305 -2.52 18.35 7.78
N ASN B 306 -2.43 17.55 6.72
CA ASN B 306 -2.14 18.09 5.39
C ASN B 306 -3.34 17.98 4.47
N PRO B 307 -3.42 18.85 3.47
CA PRO B 307 -4.52 18.76 2.51
C PRO B 307 -4.27 17.68 1.43
N ARG B 308 -3.06 17.09 1.44
CA ARG B 308 -2.65 16.06 0.47
CA ARG B 308 -2.73 16.03 0.51
C ARG B 308 -2.18 14.82 1.24
N PRO B 309 -2.50 13.61 0.73
CA PRO B 309 -1.99 12.37 1.36
C PRO B 309 -0.60 12.05 0.86
N THR B 310 0.11 11.18 1.57
CA THR B 310 1.41 10.68 1.04
C THR B 310 1.19 9.63 -0.03
N ARG B 311 2.21 9.38 -0.83
CA ARG B 311 2.17 8.35 -1.84
C ARG B 311 1.88 6.98 -1.26
N ALA B 312 2.43 6.72 -0.07
CA ALA B 312 2.21 5.45 0.63
C ALA B 312 0.74 5.31 1.01
N GLU B 313 0.14 6.43 1.42
CA GLU B 313 -1.23 6.39 1.88
C GLU B 313 -2.22 6.10 0.74
N VAL B 314 -1.96 6.68 -0.43
CA VAL B 314 -2.82 6.41 -1.58
C VAL B 314 -2.71 4.91 -1.97
N SER B 315 -1.48 4.44 -2.05
CA SER B 315 -1.21 3.07 -2.27
C SER B 315 -1.98 2.13 -1.28
N ASP B 316 -1.94 2.46 -0.01
CA ASP B 316 -2.53 1.60 1.01
C ASP B 316 -4.03 1.46 0.78
N VAL B 317 -4.71 2.58 0.51
CA VAL B 317 -6.11 2.53 0.19
C VAL B 317 -6.39 1.69 -1.08
N ALA B 318 -5.62 1.92 -2.14
CA ALA B 318 -5.86 1.20 -3.38
C ALA B 318 -5.72 -0.29 -3.14
N ASN B 319 -4.75 -0.68 -2.33
CA ASN B 319 -4.39 -2.05 -2.24
C ASN B 319 -5.33 -2.78 -1.33
N ALA B 320 -5.91 -2.09 -0.35
CA ALA B 320 -6.99 -2.68 0.49
C ALA B 320 -8.17 -3.07 -0.39
N VAL B 321 -8.47 -2.21 -1.36
CA VAL B 321 -9.55 -2.50 -2.29
C VAL B 321 -9.20 -3.68 -3.19
N LEU B 322 -7.99 -3.65 -3.77
CA LEU B 322 -7.48 -4.75 -4.57
C LEU B 322 -7.39 -6.07 -3.75
N ASN B 323 -7.06 -5.97 -2.47
CA ASN B 323 -7.00 -7.15 -1.62
C ASN B 323 -8.39 -7.85 -1.54
N GLY B 324 -9.47 -7.05 -1.58
CA GLY B 324 -10.84 -7.55 -1.61
C GLY B 324 -11.72 -6.95 -0.51
N ALA B 325 -11.19 -5.96 0.23
CA ALA B 325 -11.96 -5.38 1.36
C ALA B 325 -13.24 -4.70 0.88
N ASP B 326 -14.36 -4.97 1.55
CA ASP B 326 -15.61 -4.23 1.28
C ASP B 326 -15.41 -2.76 1.63
N CYS B 327 -14.88 -2.51 2.84
CA CYS B 327 -14.82 -1.16 3.40
C CYS B 327 -13.41 -0.75 3.74
N VAL B 328 -13.18 0.56 3.67
CA VAL B 328 -12.00 1.15 4.23
C VAL B 328 -12.43 2.17 5.25
N MET B 329 -11.65 2.32 6.31
CA MET B 329 -12.07 3.13 7.45
C MET B 329 -11.19 4.37 7.67
N LEU B 330 -11.77 5.38 8.28
CA LEU B 330 -11.02 6.54 8.77
C LEU B 330 -11.25 6.75 10.28
N SER B 331 -10.18 7.03 11.00
CA SER B 331 -10.27 7.26 12.45
C SER B 331 -9.99 8.73 12.78
N GLY B 332 -8.77 9.02 13.21
CA GLY B 332 -8.37 10.40 13.49
C GLY B 332 -8.55 11.35 12.32
N GLU B 333 -8.41 10.83 11.10
CA GLU B 333 -8.54 11.64 9.89
C GLU B 333 -9.85 12.44 9.85
N THR B 334 -10.95 11.80 10.24
CA THR B 334 -12.25 12.47 10.28
C THR B 334 -12.68 12.87 11.71
N ALA B 335 -12.21 12.16 12.72
CA ALA B 335 -12.67 12.45 14.08
C ALA B 335 -12.15 13.81 14.53
N LYS B 336 -10.87 14.08 14.26
CA LYS B 336 -10.24 15.30 14.73
C LYS B 336 -9.19 15.93 13.79
N GLY B 337 -9.41 15.84 12.47
CA GLY B 337 -8.44 16.38 11.50
C GLY B 337 -8.94 17.68 10.90
N LYS B 338 -8.07 18.40 10.21
CA LYS B 338 -8.43 19.69 9.61
C LYS B 338 -9.27 19.51 8.34
N TYR B 339 -9.19 18.33 7.73
CA TYR B 339 -9.69 18.16 6.37
C TYR B 339 -10.62 16.97 6.23
N PRO B 340 -11.63 16.88 7.10
CA PRO B 340 -12.44 15.68 7.09
C PRO B 340 -13.12 15.45 5.75
N ASN B 341 -13.67 16.49 5.15
CA ASN B 341 -14.31 16.30 3.86
C ASN B 341 -13.33 15.89 2.77
N GLU B 342 -12.17 16.56 2.72
CA GLU B 342 -11.24 16.31 1.65
C GLU B 342 -10.67 14.88 1.74
N VAL B 343 -10.43 14.41 2.96
CA VAL B 343 -9.88 13.10 3.14
C VAL B 343 -10.87 12.01 2.69
N VAL B 344 -12.14 12.20 2.97
CA VAL B 344 -13.17 11.27 2.50
C VAL B 344 -13.31 11.31 0.98
N GLN B 345 -13.18 12.50 0.40
CA GLN B 345 -13.28 12.62 -1.06
C GLN B 345 -12.12 11.93 -1.78
N TYR B 346 -10.89 12.13 -1.26
CA TYR B 346 -9.72 11.41 -1.72
C TYR B 346 -9.92 9.89 -1.63
N MET B 347 -10.36 9.44 -0.47
CA MET B 347 -10.55 8.04 -0.25
C MET B 347 -11.54 7.47 -1.28
N ALA B 348 -12.55 8.23 -1.61
CA ALA B 348 -13.57 7.78 -2.55
C ALA B 348 -12.98 7.70 -3.98
N ARG B 349 -12.12 8.64 -4.32
CA ARG B 349 -11.52 8.65 -5.64
C ARG B 349 -10.54 7.49 -5.78
N ILE B 350 -9.85 7.15 -4.69
CA ILE B 350 -8.86 6.08 -4.73
C ILE B 350 -9.57 4.71 -4.86
N CYS B 351 -10.64 4.55 -4.10
CA CYS B 351 -11.52 3.38 -4.23
C CYS B 351 -11.96 3.14 -5.66
N VAL B 352 -12.47 4.16 -6.30
CA VAL B 352 -13.00 4.06 -7.65
C VAL B 352 -11.91 3.66 -8.64
N GLU B 353 -10.73 4.24 -8.44
CA GLU B 353 -9.60 3.95 -9.28
C GLU B 353 -9.14 2.48 -9.10
N ALA B 354 -9.03 2.02 -7.87
CA ALA B 354 -8.64 0.65 -7.63
C ALA B 354 -9.69 -0.29 -8.19
N GLN B 355 -10.96 0.09 -8.00
CA GLN B 355 -12.10 -0.68 -8.56
C GLN B 355 -12.03 -0.78 -10.09
N SER B 356 -11.69 0.32 -10.76
CA SER B 356 -11.55 0.29 -12.21
C SER B 356 -10.33 -0.50 -12.68
N ALA B 357 -9.32 -0.63 -11.81
CA ALA B 357 -8.14 -1.40 -12.17
C ALA B 357 -8.34 -2.89 -11.88
N THR B 358 -9.44 -3.25 -11.25
CA THR B 358 -9.64 -4.66 -10.87
C THR B 358 -10.13 -5.46 -12.09
N HIS B 359 -9.57 -6.64 -12.31
CA HIS B 359 -10.05 -7.51 -13.40
C HIS B 359 -11.46 -7.95 -13.14
N ASP B 360 -12.36 -7.73 -14.11
CA ASP B 360 -13.80 -8.06 -13.97
C ASP B 360 -14.12 -9.35 -13.18
N THR B 361 -13.54 -10.47 -13.59
CA THR B 361 -14.14 -11.77 -13.33
C THR B 361 -13.25 -12.67 -12.51
N VAL B 362 -12.04 -12.21 -12.20
CA VAL B 362 -11.08 -13.00 -11.45
C VAL B 362 -11.57 -13.36 -10.07
N MET B 363 -12.15 -12.39 -9.36
CA MET B 363 -12.73 -12.66 -8.04
C MET B 363 -13.90 -13.60 -8.12
N PHE B 364 -14.86 -13.28 -8.98
CA PHE B 364 -15.98 -14.15 -9.24
C PHE B 364 -15.52 -15.61 -9.33
N ASN B 365 -14.66 -15.90 -10.30
CA ASN B 365 -14.20 -17.28 -10.50
C ASN B 365 -13.48 -17.84 -9.30
N SER B 366 -12.62 -17.04 -8.68
CA SER B 366 -11.80 -17.55 -7.59
C SER B 366 -12.68 -17.95 -6.43
N ILE B 367 -13.67 -17.10 -6.16
CA ILE B 367 -14.53 -17.32 -5.04
C ILE B 367 -15.44 -18.51 -5.33
N LYS B 368 -15.94 -18.59 -6.56
CA LYS B 368 -16.86 -19.64 -6.93
C LYS B 368 -16.18 -21.01 -6.87
N ASN B 369 -14.91 -21.06 -7.27
CA ASN B 369 -14.18 -22.32 -7.31
C ASN B 369 -13.89 -22.87 -5.91
N LEU B 370 -13.98 -22.04 -4.88
CA LEU B 370 -13.69 -22.51 -3.51
C LEU B 370 -14.97 -22.91 -2.75
N GLN B 371 -16.12 -22.85 -3.41
CA GLN B 371 -17.38 -23.18 -2.74
C GLN B 371 -17.68 -24.67 -2.80
N LYS B 372 -18.15 -25.21 -1.69
CA LYS B 372 -18.51 -26.59 -1.58
C LYS B 372 -19.74 -26.87 -2.46
N ILE B 373 -19.64 -27.89 -3.31
CA ILE B 373 -20.75 -28.36 -4.15
C ILE B 373 -21.37 -29.59 -3.47
N PRO B 374 -22.71 -29.70 -3.36
CA PRO B 374 -23.79 -28.84 -3.88
C PRO B 374 -23.93 -27.55 -3.08
N MET B 375 -24.28 -26.46 -3.75
CA MET B 375 -24.69 -25.23 -3.08
C MET B 375 -26.13 -25.34 -2.67
N CYS B 376 -26.53 -24.53 -1.69
CA CYS B 376 -27.93 -24.23 -1.46
CA CYS B 376 -27.93 -24.28 -1.50
C CYS B 376 -28.50 -23.55 -2.72
N PRO B 377 -29.80 -23.73 -2.95
CA PRO B 377 -30.41 -23.17 -4.15
C PRO B 377 -30.21 -21.64 -4.27
N GLU B 378 -30.38 -20.92 -3.17
CA GLU B 378 -30.27 -19.44 -3.23
C GLU B 378 -28.85 -18.99 -3.62
N GLU B 379 -27.84 -19.75 -3.19
CA GLU B 379 -26.51 -19.38 -3.56
C GLU B 379 -26.23 -19.72 -5.01
N ALA B 380 -26.80 -20.82 -5.49
CA ALA B 380 -26.68 -21.13 -6.91
C ALA B 380 -27.36 -20.03 -7.75
N VAL B 381 -28.49 -19.53 -7.26
CA VAL B 381 -29.23 -18.52 -7.94
C VAL B 381 -28.42 -17.21 -7.99
N CYS B 382 -27.79 -16.86 -6.87
CA CYS B 382 -27.09 -15.58 -6.75
C CYS B 382 -25.76 -15.60 -7.52
N SER B 383 -25.01 -16.71 -7.44
CA SER B 383 -23.79 -16.79 -8.23
C SER B 383 -24.04 -16.86 -9.74
N SER B 384 -25.01 -17.66 -10.17
CA SER B 384 -25.43 -17.64 -11.57
C SER B 384 -25.98 -16.31 -12.05
N ALA B 385 -26.62 -15.56 -11.16
CA ALA B 385 -27.14 -14.25 -11.56
C ALA B 385 -25.97 -13.31 -11.84
N VAL B 386 -24.94 -13.35 -11.00
CA VAL B 386 -23.75 -12.57 -11.25
C VAL B 386 -23.06 -13.00 -12.56
N ALA B 387 -22.99 -14.31 -12.81
CA ALA B 387 -22.43 -14.80 -14.08
C ALA B 387 -23.21 -14.24 -15.29
N SER B 388 -24.53 -14.20 -15.17
CA SER B 388 -25.33 -13.75 -16.30
C SER B 388 -25.30 -12.22 -16.46
N ALA B 389 -25.06 -11.52 -15.34
CA ALA B 389 -24.70 -10.09 -15.41
C ALA B 389 -23.42 -9.81 -16.20
N PHE B 390 -22.38 -10.60 -15.98
CA PHE B 390 -21.14 -10.44 -16.78
C PHE B 390 -21.44 -10.74 -18.24
N GLU B 391 -22.23 -11.78 -18.46
CA GLU B 391 -22.50 -12.30 -19.82
CA GLU B 391 -22.42 -12.25 -19.82
C GLU B 391 -23.22 -11.30 -20.71
N VAL B 392 -24.15 -10.51 -20.12
CA VAL B 392 -24.87 -9.49 -20.88
C VAL B 392 -24.35 -8.07 -20.65
N GLN B 393 -23.27 -7.94 -19.88
CA GLN B 393 -22.78 -6.61 -19.45
C GLN B 393 -23.90 -5.79 -18.82
N ALA B 394 -24.62 -6.40 -17.87
CA ALA B 394 -25.63 -5.69 -17.11
C ALA B 394 -25.02 -4.45 -16.42
N LYS B 395 -25.72 -3.33 -16.52
CA LYS B 395 -25.32 -2.10 -15.82
C LYS B 395 -25.80 -2.08 -14.38
N ALA B 396 -26.72 -2.98 -14.03
CA ALA B 396 -27.16 -3.09 -12.66
C ALA B 396 -27.78 -4.45 -12.39
N MET B 397 -27.71 -4.88 -11.15
CA MET B 397 -28.53 -5.97 -10.67
C MET B 397 -29.55 -5.43 -9.67
N LEU B 398 -30.58 -6.23 -9.40
CA LEU B 398 -31.67 -5.82 -8.53
C LEU B 398 -32.07 -7.01 -7.69
N VAL B 399 -32.00 -6.89 -6.38
CA VAL B 399 -32.37 -7.98 -5.52
C VAL B 399 -33.37 -7.53 -4.45
N LEU B 400 -34.39 -8.34 -4.22
CA LEU B 400 -35.25 -8.18 -3.07
C LEU B 400 -34.66 -8.90 -1.88
N SER B 401 -34.44 -8.15 -0.81
CA SER B 401 -33.89 -8.73 0.41
C SER B 401 -34.44 -8.00 1.61
N ASN B 402 -34.99 -8.77 2.55
CA ASN B 402 -35.53 -8.21 3.79
C ASN B 402 -34.54 -8.26 4.95
N THR B 403 -33.79 -9.35 5.06
CA THR B 403 -32.75 -9.45 6.08
C THR B 403 -31.43 -8.88 5.56
N GLY B 404 -31.25 -8.88 4.23
CA GLY B 404 -29.97 -8.48 3.63
C GLY B 404 -29.15 -9.66 3.17
N ARG B 405 -29.52 -10.85 3.62
CA ARG B 405 -28.83 -12.09 3.24
C ARG B 405 -28.56 -12.19 1.72
N SER B 406 -29.60 -12.03 0.92
CA SER B 406 -29.53 -12.20 -0.52
C SER B 406 -28.61 -11.14 -1.15
N ALA B 407 -28.71 -9.89 -0.68
CA ALA B 407 -27.79 -8.84 -1.15
C ALA B 407 -26.32 -9.20 -0.87
N ARG B 408 -26.04 -9.63 0.35
CA ARG B 408 -24.69 -10.03 0.70
C ARG B 408 -24.22 -11.21 -0.15
N LEU B 409 -25.15 -12.08 -0.50
CA LEU B 409 -24.82 -13.29 -1.26
C LEU B 409 -24.49 -12.96 -2.71
N ILE B 410 -25.17 -11.95 -3.26
CA ILE B 410 -24.81 -11.46 -4.58
C ILE B 410 -23.47 -10.71 -4.53
N SER B 411 -23.32 -9.86 -3.52
CA SER B 411 -22.10 -9.09 -3.39
C SER B 411 -20.88 -10.01 -3.24
N LYS B 412 -21.10 -11.19 -2.64
CA LYS B 412 -20.02 -12.14 -2.40
C LYS B 412 -19.35 -12.54 -3.70
N TYR B 413 -20.13 -12.59 -4.78
CA TYR B 413 -19.59 -13.02 -6.07
C TYR B 413 -19.04 -11.83 -6.91
N ARG B 414 -19.03 -10.64 -6.31
CA ARG B 414 -18.19 -9.57 -6.79
C ARG B 414 -18.50 -9.14 -8.24
N PRO B 415 -19.78 -8.80 -8.52
CA PRO B 415 -20.11 -8.22 -9.84
C PRO B 415 -19.42 -6.87 -10.05
N ASN B 416 -19.41 -6.39 -11.29
CA ASN B 416 -18.79 -5.12 -11.58
C ASN B 416 -19.77 -3.95 -11.72
N CYS B 417 -21.03 -4.20 -11.40
CA CYS B 417 -22.07 -3.17 -11.48
C CYS B 417 -22.71 -2.99 -10.09
N PRO B 418 -23.53 -1.93 -9.92
CA PRO B 418 -24.24 -1.78 -8.63
C PRO B 418 -25.20 -2.93 -8.39
N ILE B 419 -25.36 -3.30 -7.12
CA ILE B 419 -26.43 -4.18 -6.71
C ILE B 419 -27.53 -3.35 -6.00
N ILE B 420 -28.65 -3.10 -6.70
CA ILE B 420 -29.79 -2.41 -6.09
C ILE B 420 -30.58 -3.38 -5.22
N CYS B 421 -30.66 -3.08 -3.93
CA CYS B 421 -31.39 -3.93 -3.01
C CYS B 421 -32.67 -3.22 -2.55
N VAL B 422 -33.82 -3.75 -2.95
CA VAL B 422 -35.08 -3.28 -2.43
C VAL B 422 -35.42 -4.05 -1.18
N THR B 423 -35.49 -3.35 -0.06
CA THR B 423 -35.74 -4.00 1.22
C THR B 423 -36.95 -3.43 1.97
N THR B 424 -37.52 -4.23 2.85
CA THR B 424 -38.69 -3.83 3.61
C THR B 424 -38.31 -3.36 5.02
N ARG B 425 -37.00 -3.25 5.26
CA ARG B 425 -36.51 -2.89 6.59
C ARG B 425 -35.50 -1.76 6.50
N LEU B 426 -35.78 -0.69 7.23
CA LEU B 426 -34.86 0.43 7.28
C LEU B 426 -33.47 0.01 7.78
N GLN B 427 -33.42 -0.96 8.68
CA GLN B 427 -32.18 -1.32 9.29
C GLN B 427 -31.32 -2.14 8.32
N THR B 428 -31.98 -2.87 7.43
CA THR B 428 -31.27 -3.54 6.34
C THR B 428 -30.58 -2.53 5.42
N CYS B 429 -31.30 -1.48 5.01
CA CYS B 429 -30.68 -0.36 4.29
C CYS B 429 -29.41 0.10 4.99
N ARG B 430 -29.45 0.25 6.31
CA ARG B 430 -28.29 0.77 7.04
C ARG B 430 -27.14 -0.23 7.16
N GLN B 431 -27.48 -1.50 7.38
CA GLN B 431 -26.50 -2.54 7.59
C GLN B 431 -25.79 -2.94 6.30
N LEU B 432 -26.48 -2.77 5.17
CA LEU B 432 -25.89 -3.12 3.88
C LEU B 432 -24.82 -2.10 3.44
N ASN B 433 -24.64 -1.06 4.26
CA ASN B 433 -23.58 -0.08 4.02
C ASN B 433 -22.19 -0.63 4.16
N VAL B 434 -22.05 -1.81 4.76
CA VAL B 434 -20.70 -2.40 4.86
C VAL B 434 -20.42 -3.47 3.80
N THR B 435 -21.31 -3.54 2.81
CA THR B 435 -21.22 -4.55 1.77
C THR B 435 -20.95 -3.93 0.39
N ARG B 436 -19.87 -4.37 -0.23
CA ARG B 436 -19.44 -3.83 -1.51
C ARG B 436 -20.60 -3.81 -2.52
N SER B 437 -20.78 -2.67 -3.19
CA SER B 437 -21.61 -2.59 -4.44
C SER B 437 -23.07 -2.28 -4.20
N VAL B 438 -23.53 -2.54 -2.98
CA VAL B 438 -24.94 -2.58 -2.70
C VAL B 438 -25.48 -1.18 -2.52
N VAL B 439 -26.60 -0.90 -3.14
CA VAL B 439 -27.30 0.32 -2.95
C VAL B 439 -28.76 0.01 -2.58
N SER B 440 -29.22 0.58 -1.47
CA SER B 440 -30.50 0.20 -0.86
C SER B 440 -31.64 1.17 -1.11
N VAL B 441 -32.83 0.60 -1.33
CA VAL B 441 -34.06 1.35 -1.49
C VAL B 441 -35.09 0.74 -0.55
N PHE B 442 -35.75 1.58 0.24
CA PHE B 442 -36.70 1.10 1.23
C PHE B 442 -38.09 1.00 0.62
N TYR B 443 -38.71 -0.17 0.78
CA TYR B 443 -40.11 -0.33 0.44
C TYR B 443 -40.87 -0.50 1.73
N ASP B 444 -41.76 0.45 2.00
CA ASP B 444 -42.54 0.44 3.24
C ASP B 444 -43.77 -0.42 3.02
N ALA B 445 -43.71 -1.67 3.45
CA ALA B 445 -44.82 -2.62 3.23
C ALA B 445 -46.09 -2.32 4.01
N ALA B 446 -45.95 -1.70 5.18
CA ALA B 446 -47.14 -1.29 5.95
C ALA B 446 -47.90 -0.22 5.18
N LYS B 447 -47.18 0.75 4.62
CA LYS B 447 -47.78 1.84 3.86
C LYS B 447 -48.28 1.39 2.49
N SER B 448 -47.55 0.49 1.83
CA SER B 448 -47.76 0.29 0.40
C SER B 448 -48.40 -1.05 0.07
N GLY B 449 -48.42 -1.95 1.03
CA GLY B 449 -49.05 -3.23 0.86
C GLY B 449 -48.06 -4.39 0.69
N GLU B 450 -48.60 -5.59 0.59
CA GLU B 450 -47.83 -6.81 0.75
C GLU B 450 -46.85 -7.11 -0.39
N ASP B 451 -47.27 -6.83 -1.63
CA ASP B 451 -46.39 -7.07 -2.79
C ASP B 451 -45.96 -8.53 -2.95
N LYS B 452 -46.91 -9.44 -2.87
CA LYS B 452 -46.65 -10.86 -2.98
C LYS B 452 -46.07 -11.23 -4.33
N ASP B 453 -46.57 -10.57 -5.38
CA ASP B 453 -46.09 -10.86 -6.72
C ASP B 453 -44.82 -10.05 -7.11
N LYS B 454 -44.27 -9.30 -6.14
CA LYS B 454 -42.98 -8.58 -6.28
C LYS B 454 -42.97 -7.38 -7.21
N GLU B 455 -44.07 -7.12 -7.92
CA GLU B 455 -44.08 -6.08 -8.96
C GLU B 455 -43.86 -4.67 -8.44
N LYS B 456 -44.31 -4.39 -7.24
CA LYS B 456 -44.13 -3.05 -6.70
C LYS B 456 -42.69 -2.74 -6.34
N ARG B 457 -42.05 -3.69 -5.67
CA ARG B 457 -40.64 -3.55 -5.32
C ARG B 457 -39.72 -3.60 -6.56
N VAL B 458 -40.03 -4.46 -7.51
CA VAL B 458 -39.28 -4.47 -8.76
C VAL B 458 -39.36 -3.12 -9.48
N LYS B 459 -40.56 -2.55 -9.56
CA LYS B 459 -40.75 -1.25 -10.20
C LYS B 459 -39.99 -0.13 -9.44
N LEU B 460 -40.09 -0.18 -8.11
CA LEU B 460 -39.34 0.75 -7.28
C LEU B 460 -37.85 0.65 -7.55
N GLY B 461 -37.36 -0.56 -7.78
CA GLY B 461 -35.93 -0.76 -7.99
C GLY B 461 -35.50 -0.34 -9.37
N LEU B 462 -36.35 -0.63 -10.36
CA LEU B 462 -36.05 -0.24 -11.73
C LEU B 462 -36.11 1.26 -11.89
N ASP B 463 -37.01 1.92 -11.14
CA ASP B 463 -37.14 3.38 -11.23
C ASP B 463 -35.95 4.03 -10.58
N PHE B 464 -35.45 3.40 -9.52
CA PHE B 464 -34.24 3.87 -8.86
C PHE B 464 -33.03 3.74 -9.78
N ALA B 465 -32.96 2.66 -10.52
CA ALA B 465 -31.88 2.50 -11.47
C ALA B 465 -31.87 3.62 -12.49
N LYS B 466 -33.06 4.03 -12.96
CA LYS B 466 -33.15 5.14 -13.94
C LYS B 466 -32.72 6.46 -13.30
N LYS B 467 -33.24 6.74 -12.11
CA LYS B 467 -33.07 8.03 -11.47
C LYS B 467 -31.64 8.30 -11.05
N GLU B 468 -30.94 7.25 -10.60
CA GLU B 468 -29.55 7.38 -10.21
C GLU B 468 -28.60 7.19 -11.39
N LYS B 469 -29.16 7.04 -12.58
CA LYS B 469 -28.35 6.97 -13.80
C LYS B 469 -27.40 5.74 -13.86
N TYR B 470 -27.81 4.63 -13.23
CA TYR B 470 -27.15 3.34 -13.40
C TYR B 470 -27.48 2.77 -14.77
N ALA B 471 -28.71 2.96 -15.21
CA ALA B 471 -29.20 2.32 -16.44
C ALA B 471 -30.25 3.17 -17.12
N SER B 472 -30.47 2.92 -18.40
CA SER B 472 -31.53 3.59 -19.13
C SER B 472 -32.49 2.62 -19.79
N THR B 473 -33.58 3.18 -20.30
CA THR B 473 -34.53 2.43 -21.08
C THR B 473 -33.83 1.54 -22.09
N GLY B 474 -34.26 0.29 -22.17
CA GLY B 474 -33.64 -0.66 -23.10
C GLY B 474 -32.35 -1.31 -22.62
N ASP B 475 -31.90 -0.98 -21.41
CA ASP B 475 -30.73 -1.67 -20.78
C ASP B 475 -31.20 -2.96 -20.08
N VAL B 476 -30.42 -4.02 -20.19
CA VAL B 476 -30.75 -5.26 -19.49
C VAL B 476 -30.32 -5.16 -18.03
N VAL B 477 -31.20 -5.63 -17.15
CA VAL B 477 -30.95 -5.65 -15.71
C VAL B 477 -31.21 -7.07 -15.17
N VAL B 478 -30.38 -7.52 -14.26
CA VAL B 478 -30.55 -8.85 -13.73
C VAL B 478 -31.30 -8.76 -12.39
N VAL B 479 -32.41 -9.48 -12.28
CA VAL B 479 -33.36 -9.25 -11.21
C VAL B 479 -33.57 -10.55 -10.44
N VAL B 480 -33.30 -10.53 -9.14
CA VAL B 480 -33.28 -11.74 -8.31
C VAL B 480 -34.31 -11.61 -7.20
N HIS B 481 -35.27 -12.53 -7.15
CA HIS B 481 -36.19 -12.64 -6.01
C HIS B 481 -36.87 -13.99 -6.08
N ALA B 482 -37.92 -14.22 -5.29
CA ALA B 482 -38.62 -15.50 -5.35
C ALA B 482 -39.65 -15.51 -6.46
N ASP B 483 -40.02 -16.71 -6.90
CA ASP B 483 -41.17 -16.84 -7.78
C ASP B 483 -42.43 -16.72 -6.94
N HIS B 484 -43.56 -17.08 -7.52
CA HIS B 484 -44.83 -16.75 -6.87
C HIS B 484 -45.13 -17.51 -5.61
N SER B 485 -44.49 -18.67 -5.42
CA SER B 485 -44.83 -19.53 -4.27
C SER B 485 -43.74 -19.75 -3.20
N VAL B 486 -42.48 -19.66 -3.59
CA VAL B 486 -41.38 -19.92 -2.64
C VAL B 486 -41.19 -18.76 -1.63
N LYS B 487 -40.98 -19.09 -0.36
CA LYS B 487 -40.79 -18.07 0.69
C LYS B 487 -39.49 -18.32 1.46
N GLY B 488 -38.86 -17.26 1.97
CA GLY B 488 -37.64 -17.40 2.76
C GLY B 488 -36.32 -17.11 2.04
N TYR B 489 -36.32 -17.11 0.70
CA TYR B 489 -35.09 -16.94 -0.07
C TYR B 489 -35.44 -16.78 -1.55
N PRO B 490 -34.51 -16.24 -2.36
CA PRO B 490 -34.85 -16.12 -3.78
C PRO B 490 -34.51 -17.38 -4.55
N ASN B 491 -35.39 -17.82 -5.44
CA ASN B 491 -35.10 -19.01 -6.24
C ASN B 491 -35.14 -18.71 -7.74
N GLN B 492 -35.14 -17.43 -8.07
CA GLN B 492 -35.46 -16.99 -9.42
C GLN B 492 -34.54 -15.88 -9.88
N THR B 493 -34.11 -15.95 -11.12
CA THR B 493 -33.44 -14.84 -11.77
C THR B 493 -34.16 -14.53 -13.06
N ARG B 494 -34.17 -13.24 -13.41
CA ARG B 494 -34.75 -12.78 -14.68
C ARG B 494 -33.83 -11.73 -15.27
N LEU B 495 -33.72 -11.74 -16.58
CA LEU B 495 -33.14 -10.64 -17.30
C LEU B 495 -34.28 -9.81 -17.91
N ILE B 496 -34.34 -8.54 -17.55
CA ILE B 496 -35.36 -7.69 -18.11
C ILE B 496 -34.79 -6.39 -18.65
N TYR B 497 -35.42 -5.87 -19.71
CA TYR B 497 -35.06 -4.59 -20.27
C TYR B 497 -35.84 -3.49 -19.58
N LEU B 498 -35.14 -2.44 -19.13
CA LEU B 498 -35.83 -1.29 -18.59
C LEU B 498 -36.82 -0.72 -19.62
N PRO B 499 -38.07 -0.50 -19.19
CA PRO B 499 -39.12 0.08 -20.01
C PRO B 499 -38.87 1.57 -20.22
MG MG C . 10.92 16.60 -11.57
K K D . 16.92 14.86 -8.41
P1 FDP E . 32.88 -16.31 -20.53
O1P FDP E . 33.04 -17.64 -19.91
O2P FDP E . 33.51 -15.20 -19.64
O3P FDP E . 33.52 -16.18 -22.03
O1 FDP E . 31.58 -16.07 -23.43
C1 FDP E . 30.93 -17.09 -22.66
C2 FDP E . 30.30 -16.45 -21.44
O2 FDP E . 31.31 -15.78 -20.67
C3 FDP E . 29.57 -17.46 -20.58
O3 FDP E . 30.53 -18.26 -19.88
C4 FDP E . 28.92 -16.47 -19.62
O4 FDP E . 27.87 -17.10 -18.87
C5 FDP E . 28.36 -15.43 -20.59
O5 FDP E . 29.27 -15.45 -21.78
C6 FDP E . 28.49 -14.09 -19.98
O6 FDP E . 27.85 -13.11 -20.80
P2 FDP E . 27.27 -11.82 -20.12
O4P FDP E . 26.37 -12.15 -18.96
O5P FDP E . 28.57 -10.94 -19.68
O6P FDP E . 26.56 -10.98 -21.35
CL CL F . 5.06 46.55 -13.24
MG MG G . -7.48 -2.34 21.59
K K H . -12.62 1.52 20.56
P1 FDP I . -40.45 -11.85 -0.33
O1P FDP I . -40.95 -11.58 -1.72
O2P FDP I . -40.42 -10.58 0.56
O3P FDP I . -41.29 -12.96 0.44
O1 FDP I . -39.86 -15.05 0.52
C1 FDP I . -39.47 -14.71 -0.83
C2 FDP I . -38.42 -13.57 -0.78
O2 FDP I . -38.91 -12.37 -0.18
C3 FDP I . -37.81 -13.27 -2.16
O3 FDP I . -38.75 -12.57 -3.01
C4 FDP I . -36.65 -12.39 -1.74
O4 FDP I . -35.67 -12.33 -2.80
C5 FDP I . -36.09 -13.23 -0.55
O5 FDP I . -37.26 -13.97 0.02
C6 FDP I . -35.51 -12.38 0.53
O6 FDP I . -34.79 -13.18 1.49
P2 FDP I . -33.70 -12.45 2.41
O4P FDP I . -32.60 -11.85 1.56
O5P FDP I . -34.53 -11.34 3.19
O6P FDP I . -33.18 -13.49 3.53
C1 GOL J . -17.94 -15.19 -16.78
O1 GOL J . -19.36 -15.34 -16.42
C2 GOL J . -17.05 -15.76 -15.63
O2 GOL J . -17.39 -17.14 -15.35
C3 GOL J . -15.54 -15.64 -15.94
O3 GOL J . -15.23 -15.75 -17.34
#